data_5K6O
#
_entry.id   5K6O
#
_cell.length_a   50.924
_cell.length_b   119.251
_cell.length_c   157.479
_cell.angle_alpha   90.00
_cell.angle_beta   90.00
_cell.angle_gamma   90.00
#
_symmetry.space_group_name_H-M   'P 21 21 21'
#
loop_
_entity.id
_entity.type
_entity.pdbx_description
1 polymer B-GLUCOSIDASE
2 non-polymer beta-D-galactopyranose
3 non-polymer 'SULFATE ION'
4 non-polymer 1,2-ETHANEDIOL
5 water water
#
_entity_poly.entity_id   1
_entity_poly.type   'polypeptide(L)'
_entity_poly.pdbx_seq_one_letter_code
;MNIEKVILDWNEYIEAARSVVSEGCVLLENNGTLPLEKGAVVSIFGRIQTHYYKSGTGSGGMVNVTHVVGVPEGLKLSEH
VTVNEELENIYKEWEEENPFDEGLGWGTEPWSQPEMELTDEIVSNASAKSDVAIVIIGRTAGEDKDFSDVAGAYKLSETE
EDMLRRVRKHFDKMVVLLNVGSLMDLNVISEINPDALMVIWQGGMIGGLGTADVLTGKVNPSGKLTDTIAYEINDYPSTE
NFGDPVRDYYAEDIYVGYRYFETFEKSKVRYPFGYGISYTEFEHTVGEFTADINSRTFTASCTVKNTGSVAGKDVAQFYV
SAPQGKLGKPEKVLVAFKKTGILNPGKEEKITVTVPFDRFASFDDTGVTGAESCFVLEAGEYTVYEGKNVRESYKEGSFT
LEENIVTEKLSKALAPMESFKRMKASENSDGTLSVKYEDVPVSDVDEKKRRLDNMPVEIPQDFTARYSLKDVLSGSVDME
KFIARLSDDDLACIVRGEGMGSSLVTAGTAAAFGGVSEYLRKMDIPAVCCDDGPSGMRLDSGATAFSMPNGTMLASTFNP
DVIERMYGFTSLEMIYNKVECLLGPGMNIHRNPLNGRNFEYFSEDPYLNGTIASAMLKGLHKYGSDGVAKHFCCNNQELG
RQACDSVVSQRALREIYLKGFEIAVKEGGCKAFMTTYAQVNGMWTAGNYDLNTRILRDEWGFKGIVMTDWWAQVNDRGGE
PTKNNTAAMVRAQNDLYMVTANAAMNSANDNTLSQLSEGKLNRAELQRCAMNICEYAMNTMAMKRLCRNDIKVEIAGRVI
EEDAFDIENAEYLVLKGNITVSLKNKESKAGTNYYIPLDIQDLGMYDISVTASSMLGEVAQLPCTLYYTGVPFLTYTFNG
SGGKDVTITKSMDFHNRMAVIRLNVAKNGLNLDRIEFKKQQ
;
_entity_poly.pdbx_strand_id   A
#
# COMPACT_ATOMS: atom_id res chain seq x y z
N GLU A 4 -11.35 -27.71 -16.45
CA GLU A 4 -11.03 -26.55 -17.34
C GLU A 4 -9.56 -26.04 -17.23
N LYS A 5 -8.88 -25.85 -18.37
CA LYS A 5 -7.44 -25.56 -18.43
C LYS A 5 -7.10 -24.19 -19.05
N VAL A 6 -5.99 -23.57 -18.60
CA VAL A 6 -5.63 -22.15 -18.90
C VAL A 6 -4.11 -21.94 -18.98
N ILE A 7 -3.65 -21.24 -20.01
CA ILE A 7 -2.22 -20.96 -20.19
C ILE A 7 -1.83 -19.66 -19.47
N LEU A 8 -0.75 -19.73 -18.70
CA LEU A 8 -0.10 -18.56 -18.14
C LEU A 8 1.13 -18.34 -19.01
N ASP A 9 1.08 -17.34 -19.88
CA ASP A 9 2.19 -17.08 -20.80
C ASP A 9 3.21 -16.23 -20.03
N TRP A 10 4.36 -16.81 -19.74
CA TRP A 10 5.37 -16.11 -18.95
C TRP A 10 5.97 -14.89 -19.63
N ASN A 11 5.92 -14.82 -20.97
CA ASN A 11 6.49 -13.65 -21.66
C ASN A 11 5.55 -12.47 -21.57
N GLU A 12 4.24 -12.70 -21.64
CA GLU A 12 3.23 -11.65 -21.40
C GLU A 12 3.25 -11.15 -19.93
N TYR A 13 3.46 -12.06 -18.99
CA TYR A 13 3.64 -11.73 -17.59
C TYR A 13 4.87 -10.83 -17.44
N ILE A 14 6.02 -11.23 -17.99
CA ILE A 14 7.19 -10.34 -18.01
C ILE A 14 6.80 -8.97 -18.61
N GLU A 15 6.11 -8.98 -19.76
CA GLU A 15 5.76 -7.74 -20.46
C GLU A 15 4.77 -6.85 -19.65
N ALA A 16 3.82 -7.48 -18.96
CA ALA A 16 2.91 -6.76 -18.06
C ALA A 16 3.64 -6.09 -16.91
N ALA A 17 4.58 -6.80 -16.28
CA ALA A 17 5.39 -6.21 -15.23
C ALA A 17 6.34 -5.12 -15.72
N ARG A 18 6.79 -5.30 -16.95
CA ARG A 18 7.70 -4.36 -17.58
C ARG A 18 7.01 -3.04 -17.90
N SER A 19 5.75 -3.11 -18.33
CA SER A 19 4.91 -1.92 -18.46
C SER A 19 4.68 -1.14 -17.18
N VAL A 20 4.55 -1.82 -16.05
CA VAL A 20 4.34 -1.17 -14.78
C VAL A 20 5.60 -0.43 -14.39
N VAL A 21 6.75 -1.08 -14.55
CA VAL A 21 8.04 -0.43 -14.26
C VAL A 21 8.17 0.82 -15.12
N SER A 22 7.81 0.70 -16.39
CA SER A 22 8.01 1.78 -17.34
C SER A 22 6.98 2.90 -17.17
N GLU A 23 5.84 2.65 -16.53
CA GLU A 23 4.91 3.74 -16.15
C GLU A 23 5.10 4.31 -14.75
N GLY A 24 5.96 3.71 -13.92
CA GLY A 24 6.13 4.12 -12.53
C GLY A 24 7.44 4.80 -12.16
N CYS A 25 8.43 4.78 -13.05
CA CYS A 25 9.64 5.57 -12.83
C CYS A 25 9.22 7.02 -12.89
N VAL A 26 9.83 7.85 -12.04
CA VAL A 26 9.42 9.25 -11.96
C VAL A 26 10.58 10.12 -12.32
N LEU A 27 10.45 10.83 -13.44
CA LEU A 27 11.46 11.77 -13.88
C LEU A 27 11.25 13.11 -13.15
N LEU A 28 12.25 13.55 -12.38
CA LEU A 28 12.13 14.76 -11.61
C LEU A 28 12.78 15.99 -12.26
N GLU A 29 13.95 15.83 -12.87
CA GLU A 29 14.64 16.90 -13.60
C GLU A 29 15.26 16.30 -14.86
N ASN A 30 15.38 17.11 -15.90
CA ASN A 30 15.97 16.69 -17.17
C ASN A 30 16.18 17.92 -18.05
N ASN A 31 17.40 18.14 -18.49
CA ASN A 31 17.72 19.22 -19.46
C ASN A 31 17.87 18.73 -20.92
N GLY A 32 17.38 17.54 -21.25
CA GLY A 32 17.50 16.98 -22.62
C GLY A 32 18.51 15.85 -22.73
N THR A 33 19.36 15.69 -21.72
CA THR A 33 20.31 14.59 -21.65
C THR A 33 19.62 13.22 -21.69
N LEU A 34 18.40 13.14 -21.17
CA LEU A 34 17.58 11.96 -21.39
C LEU A 34 16.56 12.31 -22.46
N PRO A 35 16.19 11.38 -23.32
CA PRO A 35 16.71 9.99 -23.34
C PRO A 35 18.14 9.93 -23.90
N LEU A 36 18.81 8.83 -23.60
CA LEU A 36 20.16 8.59 -24.05
C LEU A 36 20.09 8.40 -25.55
N GLU A 37 21.12 8.91 -26.23
CA GLU A 37 21.15 8.96 -27.70
C GLU A 37 21.57 7.62 -28.31
N LYS A 38 21.00 7.31 -29.48
CA LYS A 38 21.27 6.06 -30.22
C LYS A 38 22.78 5.89 -30.43
N GLY A 39 23.29 4.71 -30.06
CA GLY A 39 24.71 4.39 -30.14
C GLY A 39 25.64 4.91 -29.05
N ALA A 40 25.14 5.71 -28.11
CA ALA A 40 26.01 6.29 -27.06
C ALA A 40 26.62 5.25 -26.12
N VAL A 41 27.75 5.60 -25.51
CA VAL A 41 28.48 4.72 -24.63
C VAL A 41 28.34 5.28 -23.21
N VAL A 42 27.86 4.49 -22.26
CA VAL A 42 27.56 5.01 -20.90
C VAL A 42 28.50 4.41 -19.83
N SER A 43 29.04 5.28 -19.00
CA SER A 43 29.78 4.87 -17.82
C SER A 43 28.79 4.80 -16.64
N ILE A 44 28.72 3.66 -15.96
CA ILE A 44 27.78 3.49 -14.84
C ILE A 44 28.53 3.49 -13.52
N PHE A 45 28.15 4.37 -12.60
CA PHE A 45 28.84 4.47 -11.32
C PHE A 45 27.93 4.01 -10.19
N GLY A 46 28.50 3.83 -9.01
CA GLY A 46 27.78 3.26 -7.89
C GLY A 46 27.83 1.74 -7.88
N ARG A 47 28.42 1.18 -6.83
CA ARG A 47 28.56 -0.27 -6.66
C ARG A 47 27.25 -1.05 -6.64
N ILE A 48 26.16 -0.39 -6.25
CA ILE A 48 24.88 -1.05 -6.16
C ILE A 48 24.41 -1.51 -7.53
N GLN A 49 24.99 -0.99 -8.61
CA GLN A 49 24.69 -1.46 -9.97
C GLN A 49 24.77 -2.98 -10.15
N THR A 50 25.66 -3.64 -9.41
CA THR A 50 25.80 -5.10 -9.49
C THR A 50 24.76 -5.88 -8.68
N HIS A 51 24.11 -5.23 -7.70
CA HIS A 51 23.12 -5.86 -6.82
C HIS A 51 21.84 -5.01 -6.73
N TYR A 52 21.18 -4.85 -7.87
CA TYR A 52 19.93 -4.12 -7.99
C TYR A 52 18.96 -4.50 -6.89
N TYR A 53 18.53 -3.51 -6.12
CA TYR A 53 17.47 -3.68 -5.13
C TYR A 53 16.13 -3.91 -5.84
N LYS A 54 15.71 -5.16 -5.93
CA LYS A 54 14.43 -5.53 -6.56
C LYS A 54 13.23 -5.28 -5.65
N SER A 55 13.49 -5.18 -4.35
CA SER A 55 12.46 -4.95 -3.34
C SER A 55 13.08 -4.50 -2.01
N GLY A 56 12.22 -4.16 -1.07
CA GLY A 56 12.61 -3.89 0.32
C GLY A 56 12.85 -5.19 1.03
N THR A 57 13.16 -5.12 2.32
CA THR A 57 13.46 -6.31 3.12
C THR A 57 12.23 -6.72 3.95
N GLY A 58 12.22 -7.97 4.38
CA GLY A 58 11.16 -8.49 5.24
C GLY A 58 10.19 -9.39 4.49
N SER A 59 8.99 -9.55 5.06
CA SER A 59 7.95 -10.49 4.56
C SER A 59 7.55 -10.27 3.10
N GLY A 60 7.47 -9.00 2.69
CA GLY A 60 7.13 -8.62 1.32
C GLY A 60 8.32 -8.41 0.39
N GLY A 61 9.46 -9.06 0.67
CA GLY A 61 10.64 -8.99 -0.20
C GLY A 61 11.57 -10.19 -0.12
N MET A 62 10.99 -11.38 0.04
CA MET A 62 11.74 -12.64 0.06
C MET A 62 11.20 -13.55 -1.04
N VAL A 63 10.93 -12.97 -2.21
CA VAL A 63 10.53 -13.74 -3.37
C VAL A 63 11.81 -14.29 -4.02
N ASN A 64 11.90 -15.62 -4.15
CA ASN A 64 13.05 -16.25 -4.74
C ASN A 64 12.91 -16.20 -6.24
N VAL A 65 14.01 -15.88 -6.91
CA VAL A 65 14.02 -15.80 -8.38
C VAL A 65 15.29 -16.39 -8.98
N THR A 66 15.19 -16.74 -10.26
CA THR A 66 16.29 -17.37 -10.99
C THR A 66 17.31 -16.29 -11.36
N HIS A 67 16.83 -15.12 -11.78
CA HIS A 67 17.69 -14.04 -12.25
C HIS A 67 17.05 -12.65 -12.12
N VAL A 68 17.86 -11.66 -11.73
CA VAL A 68 17.44 -10.29 -11.65
C VAL A 68 18.13 -9.47 -12.74
N VAL A 69 17.35 -8.80 -13.58
CA VAL A 69 17.88 -7.89 -14.57
C VAL A 69 18.05 -6.54 -13.91
N GLY A 70 19.29 -6.20 -13.61
CA GLY A 70 19.64 -4.88 -13.08
C GLY A 70 19.77 -3.86 -14.21
N VAL A 71 20.21 -2.67 -13.86
CA VAL A 71 20.26 -1.56 -14.80
C VAL A 71 21.35 -1.73 -15.89
N PRO A 72 22.61 -2.09 -15.53
CA PRO A 72 23.60 -2.35 -16.58
C PRO A 72 23.16 -3.42 -17.59
N GLU A 73 22.55 -4.49 -17.10
CA GLU A 73 22.12 -5.55 -18.00
C GLU A 73 20.98 -5.12 -18.90
N GLY A 74 20.02 -4.36 -18.37
CA GLY A 74 18.88 -3.89 -19.16
C GLY A 74 19.28 -2.95 -20.28
N LEU A 75 20.22 -2.06 -19.97
CA LEU A 75 20.83 -1.17 -20.97
C LEU A 75 21.50 -1.93 -22.12
N LYS A 76 22.27 -2.98 -21.80
CA LYS A 76 22.92 -3.78 -22.84
C LYS A 76 21.87 -4.47 -23.70
N LEU A 77 20.84 -5.03 -23.06
CA LEU A 77 19.81 -5.73 -23.79
C LEU A 77 18.93 -4.80 -24.64
N SER A 78 18.93 -3.49 -24.35
CA SER A 78 18.21 -2.53 -25.20
C SER A 78 18.73 -2.49 -26.64
N GLU A 79 20.03 -2.74 -26.84
CA GLU A 79 20.74 -2.61 -28.12
C GLU A 79 20.69 -1.18 -28.68
N HIS A 80 20.67 -0.22 -27.76
CA HIS A 80 20.54 1.19 -28.10
C HIS A 80 21.76 1.96 -27.56
N VAL A 81 22.39 1.44 -26.52
CA VAL A 81 23.64 1.96 -25.99
C VAL A 81 24.55 0.78 -25.69
N THR A 82 25.80 1.10 -25.41
CA THR A 82 26.74 0.12 -24.90
C THR A 82 27.25 0.68 -23.58
N VAL A 83 27.75 -0.21 -22.73
CA VAL A 83 28.24 0.15 -21.41
C VAL A 83 29.75 0.12 -21.44
N ASN A 84 30.38 1.03 -20.70
CA ASN A 84 31.82 1.07 -20.53
C ASN A 84 32.27 -0.14 -19.70
N GLU A 85 32.87 -1.13 -20.36
CA GLU A 85 33.14 -2.45 -19.74
C GLU A 85 34.37 -2.46 -18.83
N GLU A 86 35.31 -1.55 -19.05
CA GLU A 86 36.46 -1.38 -18.15
C GLU A 86 35.99 -0.97 -16.77
N LEU A 87 35.19 0.08 -16.71
CA LEU A 87 34.61 0.56 -15.46
C LEU A 87 33.80 -0.54 -14.77
N GLU A 88 33.04 -1.33 -15.53
CA GLU A 88 32.35 -2.51 -14.94
C GLU A 88 33.31 -3.46 -14.24
N ASN A 89 34.44 -3.73 -14.87
CA ASN A 89 35.45 -4.62 -14.30
C ASN A 89 36.11 -4.05 -13.06
N ILE A 90 36.27 -2.75 -12.99
CA ILE A 90 36.83 -2.14 -11.78
C ILE A 90 35.91 -2.39 -10.59
N TYR A 91 34.60 -2.23 -10.82
CA TYR A 91 33.57 -2.49 -9.81
C TYR A 91 33.53 -3.96 -9.43
N LYS A 92 33.53 -4.83 -10.44
CA LYS A 92 33.49 -6.29 -10.20
C LYS A 92 34.70 -6.77 -9.38
N GLU A 93 35.89 -6.28 -9.73
CA GLU A 93 37.11 -6.66 -9.03
C GLU A 93 37.16 -6.09 -7.64
N TRP A 94 36.73 -4.85 -7.45
CA TRP A 94 36.65 -4.24 -6.11
C TRP A 94 35.67 -5.00 -5.20
N GLU A 95 34.52 -5.40 -5.76
CA GLU A 95 33.45 -6.10 -5.02
C GLU A 95 33.85 -7.49 -4.52
N GLU A 96 34.85 -8.10 -5.16
CA GLU A 96 35.42 -9.37 -4.68
C GLU A 96 36.16 -9.20 -3.35
N GLU A 97 36.73 -8.01 -3.10
CA GLU A 97 37.33 -7.68 -1.79
C GLU A 97 36.34 -7.07 -0.78
N ASN A 98 35.23 -6.52 -1.26
CA ASN A 98 34.24 -5.84 -0.41
C ASN A 98 32.86 -6.36 -0.79
N PRO A 99 32.56 -7.60 -0.39
CA PRO A 99 31.32 -8.22 -0.88
C PRO A 99 30.05 -7.56 -0.33
N PHE A 100 28.97 -7.72 -1.08
CA PHE A 100 27.68 -7.24 -0.70
C PHE A 100 27.35 -7.81 0.68
N ASP A 101 27.06 -6.93 1.64
CA ASP A 101 26.65 -7.34 3.00
C ASP A 101 25.18 -7.77 2.96
N GLU A 102 24.90 -9.04 3.23
CA GLU A 102 23.52 -9.55 3.29
C GLU A 102 22.92 -9.54 4.70
N GLY A 103 23.73 -9.26 5.72
CA GLY A 103 23.27 -9.19 7.09
C GLY A 103 23.20 -10.54 7.80
N LEU A 104 22.91 -10.46 9.10
CA LEU A 104 22.97 -11.60 10.01
C LEU A 104 21.60 -12.28 10.27
N GLY A 105 20.49 -11.73 9.76
CA GLY A 105 19.17 -12.32 10.02
C GLY A 105 17.93 -11.71 9.36
N TRP A 106 17.02 -11.19 10.18
CA TRP A 106 15.66 -10.81 9.75
C TRP A 106 15.56 -9.35 9.23
N GLY A 107 15.73 -8.39 10.14
CA GLY A 107 15.71 -6.96 9.80
C GLY A 107 17.08 -6.33 9.95
N THR A 108 18.13 -7.15 9.79
CA THR A 108 19.52 -6.78 10.04
C THR A 108 20.34 -6.51 8.76
N GLU A 109 19.72 -6.69 7.58
CA GLU A 109 20.35 -6.28 6.32
C GLU A 109 20.38 -4.76 6.28
N PRO A 110 21.53 -4.14 5.95
CA PRO A 110 21.64 -2.70 6.15
C PRO A 110 20.86 -1.88 5.11
N TRP A 111 20.65 -0.61 5.45
CA TRP A 111 19.88 0.33 4.62
C TRP A 111 20.51 0.48 3.24
N SER A 112 21.84 0.65 3.24
CA SER A 112 22.63 0.73 2.01
C SER A 112 23.94 0.00 2.19
N GLN A 113 24.67 -0.12 1.09
CA GLN A 113 25.98 -0.74 1.06
C GLN A 113 27.08 0.32 1.06
N PRO A 114 28.27 -0.01 1.61
CA PRO A 114 29.34 0.98 1.54
C PRO A 114 29.76 1.21 0.08
N GLU A 115 29.90 2.46 -0.33
CA GLU A 115 30.26 2.83 -1.70
C GLU A 115 31.77 2.70 -1.98
N MET A 116 32.12 2.46 -3.23
CA MET A 116 33.53 2.47 -3.67
C MET A 116 34.04 3.91 -3.77
N GLU A 117 35.21 4.17 -3.21
CA GLU A 117 35.83 5.49 -3.37
C GLU A 117 36.42 5.57 -4.76
N LEU A 118 36.17 6.67 -5.42
CA LEU A 118 36.67 6.90 -6.76
C LEU A 118 37.86 7.85 -6.73
N THR A 119 38.73 7.71 -7.72
CA THR A 119 39.91 8.55 -7.88
C THR A 119 39.71 9.49 -9.08
N ASP A 120 40.44 10.60 -9.05
CA ASP A 120 40.56 11.50 -10.21
C ASP A 120 40.83 10.63 -11.45
N GLU A 121 41.74 9.66 -11.28
CA GLU A 121 42.18 8.72 -12.31
C GLU A 121 41.04 7.91 -12.98
N ILE A 122 40.34 7.10 -12.20
CA ILE A 122 39.23 6.25 -12.70
C ILE A 122 38.12 7.03 -13.43
N VAL A 123 37.74 8.15 -12.82
CA VAL A 123 36.63 8.98 -13.31
C VAL A 123 37.03 9.73 -14.58
N SER A 124 38.20 10.35 -14.53
CA SER A 124 38.77 11.01 -15.72
C SER A 124 38.90 10.06 -16.91
N ASN A 125 39.39 8.85 -16.67
CA ASN A 125 39.51 7.83 -17.73
C ASN A 125 38.19 7.36 -18.29
N ALA A 126 37.18 7.26 -17.42
CA ALA A 126 35.85 6.85 -17.82
C ALA A 126 35.24 7.92 -18.72
N SER A 127 35.49 9.17 -18.38
CA SER A 127 34.97 10.29 -19.14
C SER A 127 35.47 10.31 -20.57
N ALA A 128 36.77 10.12 -20.73
CA ALA A 128 37.42 10.06 -22.06
C ALA A 128 36.88 8.97 -22.99
N LYS A 129 36.35 7.88 -22.43
CA LYS A 129 35.85 6.75 -23.21
C LYS A 129 34.31 6.61 -23.29
N SER A 130 33.58 7.61 -22.80
CA SER A 130 32.11 7.58 -22.81
C SER A 130 31.47 8.94 -22.99
N ASP A 131 30.25 8.93 -23.53
CA ASP A 131 29.44 10.11 -23.80
C ASP A 131 28.67 10.66 -22.58
N VAL A 132 28.33 9.80 -21.63
CA VAL A 132 27.46 10.16 -20.48
C VAL A 132 27.70 9.27 -19.25
N ALA A 133 27.67 9.85 -18.07
CA ALA A 133 27.67 9.11 -16.80
C ALA A 133 26.25 8.81 -16.26
N ILE A 134 26.05 7.60 -15.74
CA ILE A 134 24.85 7.25 -14.94
C ILE A 134 25.27 6.85 -13.54
N VAL A 135 24.84 7.59 -12.52
CA VAL A 135 25.18 7.26 -11.11
C VAL A 135 23.96 6.67 -10.42
N ILE A 136 24.11 5.48 -9.86
CA ILE A 136 23.02 4.79 -9.15
C ILE A 136 23.24 4.84 -7.64
N ILE A 137 22.29 5.45 -6.95
CA ILE A 137 22.24 5.46 -5.50
C ILE A 137 21.18 4.46 -5.03
N GLY A 138 21.57 3.56 -4.14
CA GLY A 138 20.72 2.45 -3.70
C GLY A 138 20.36 2.54 -2.22
N ARG A 139 19.08 2.30 -1.94
CA ARG A 139 18.57 2.18 -0.57
C ARG A 139 17.48 1.11 -0.49
N THR A 140 17.43 0.41 0.64
CA THR A 140 16.40 -0.59 0.93
C THR A 140 15.95 -0.36 2.38
N ALA A 141 14.84 -0.96 2.75
CA ALA A 141 14.29 -0.76 4.09
C ALA A 141 13.21 -1.78 4.23
N GLY A 142 12.61 -1.91 5.42
CA GLY A 142 11.52 -2.86 5.57
C GLY A 142 10.97 -3.01 6.95
N GLU A 143 10.59 -4.25 7.28
CA GLU A 143 10.02 -4.56 8.58
C GLU A 143 11.03 -4.35 9.70
N ASP A 144 10.54 -3.74 10.77
CA ASP A 144 11.23 -3.63 12.05
C ASP A 144 12.38 -2.64 12.16
N LYS A 145 13.04 -2.32 11.06
CA LYS A 145 13.88 -1.12 11.02
C LYS A 145 13.14 0.05 10.35
N ASP A 146 12.85 1.09 11.12
CA ASP A 146 12.57 2.43 10.57
C ASP A 146 13.80 3.02 9.83
N PHE A 147 13.53 3.72 8.73
CA PHE A 147 14.53 4.55 8.00
C PHE A 147 14.91 5.69 8.96
N SER A 148 16.06 6.31 8.79
CA SER A 148 16.63 7.21 9.80
C SER A 148 17.30 8.42 9.15
N ASP A 149 17.25 9.61 9.78
CA ASP A 149 17.81 10.86 9.19
C ASP A 149 19.33 10.97 9.37
N VAL A 150 20.04 10.00 8.79
CA VAL A 150 21.49 9.88 8.97
C VAL A 150 22.17 9.50 7.66
N ALA A 151 23.48 9.73 7.61
CA ALA A 151 24.32 9.37 6.47
C ALA A 151 24.24 7.86 6.23
N GLY A 152 24.09 7.47 4.96
CA GLY A 152 23.87 6.06 4.60
C GLY A 152 22.42 5.61 4.62
N ALA A 153 21.50 6.46 5.08
CA ALA A 153 20.06 6.13 5.11
C ALA A 153 19.29 7.24 4.38
N TYR A 154 18.58 8.14 5.07
CA TYR A 154 17.88 9.23 4.37
C TYR A 154 18.88 10.15 3.69
N LYS A 155 20.04 10.36 4.32
CA LYS A 155 21.08 11.16 3.71
C LYS A 155 22.13 10.33 2.98
N LEU A 156 22.78 10.98 2.00
CA LEU A 156 23.97 10.43 1.35
C LEU A 156 25.11 10.24 2.35
N SER A 157 25.90 9.18 2.14
CA SER A 157 27.17 8.99 2.86
C SER A 157 28.23 9.92 2.26
N GLU A 158 29.32 10.15 2.99
CA GLU A 158 30.37 11.06 2.50
C GLU A 158 31.05 10.59 1.20
N THR A 159 31.27 9.29 1.08
CA THR A 159 31.78 8.70 -0.17
C THR A 159 30.77 8.77 -1.33
N GLU A 160 29.48 8.61 -1.05
CA GLU A 160 28.47 8.79 -2.09
C GLU A 160 28.52 10.23 -2.64
N GLU A 161 28.54 11.19 -1.73
CA GLU A 161 28.64 12.61 -2.07
C GLU A 161 29.94 12.89 -2.85
N ASP A 162 31.02 12.21 -2.47
CA ASP A 162 32.28 12.38 -3.17
C ASP A 162 32.15 11.86 -4.58
N MET A 163 31.69 10.61 -4.71
CA MET A 163 31.42 10.02 -6.02
C MET A 163 30.65 10.99 -6.95
N LEU A 164 29.59 11.57 -6.44
CA LEU A 164 28.76 12.46 -7.23
C LEU A 164 29.49 13.72 -7.66
N ARG A 165 30.33 14.29 -6.79
CA ARG A 165 31.05 15.53 -7.12
C ARG A 165 32.11 15.34 -8.22
N ARG A 166 32.83 14.23 -8.10
CA ARG A 166 33.84 13.84 -9.09
C ARG A 166 33.19 13.58 -10.43
N VAL A 167 32.12 12.80 -10.43
CA VAL A 167 31.44 12.51 -11.67
C VAL A 167 30.96 13.81 -12.31
N ARG A 168 30.38 14.69 -11.49
CA ARG A 168 29.90 15.96 -11.99
C ARG A 168 31.00 16.81 -12.66
N LYS A 169 32.16 16.90 -12.02
CA LYS A 169 33.29 17.66 -12.55
C LYS A 169 33.78 17.15 -13.92
N HIS A 170 33.89 15.83 -14.10
CA HIS A 170 34.52 15.24 -15.30
C HIS A 170 33.59 14.87 -16.45
N PHE A 171 32.29 14.79 -16.20
CA PHE A 171 31.33 14.57 -17.29
C PHE A 171 30.47 15.82 -17.44
N ASP A 172 30.12 16.20 -18.66
CA ASP A 172 29.09 17.25 -18.83
C ASP A 172 27.70 16.68 -19.18
N LYS A 173 27.56 15.37 -19.29
CA LYS A 173 26.25 14.72 -19.27
C LYS A 173 26.24 13.72 -18.13
N MET A 174 25.39 13.98 -17.13
CA MET A 174 25.32 13.18 -15.90
C MET A 174 23.85 12.89 -15.51
N VAL A 175 23.49 11.60 -15.43
CA VAL A 175 22.16 11.15 -15.00
C VAL A 175 22.30 10.50 -13.63
N VAL A 176 21.33 10.73 -12.75
CA VAL A 176 21.29 10.09 -11.43
C VAL A 176 20.00 9.29 -11.25
N LEU A 177 20.13 8.01 -10.91
CA LEU A 177 19.03 7.12 -10.67
C LEU A 177 18.98 6.74 -9.20
N LEU A 178 17.82 6.87 -8.57
CA LEU A 178 17.62 6.43 -7.21
C LEU A 178 16.86 5.09 -7.24
N ASN A 179 17.58 4.02 -6.88
CA ASN A 179 17.07 2.65 -6.76
C ASN A 179 16.72 2.49 -5.28
N VAL A 180 15.52 2.97 -4.93
CA VAL A 180 15.14 3.19 -3.53
C VAL A 180 13.73 2.69 -3.23
N GLY A 181 13.53 2.26 -2.00
CA GLY A 181 12.22 1.83 -1.54
C GLY A 181 11.35 3.01 -1.18
N SER A 182 11.97 4.02 -0.59
CA SER A 182 11.27 5.24 -0.20
C SER A 182 12.10 6.47 -0.53
N LEU A 183 11.48 7.63 -0.36
CA LEU A 183 12.13 8.90 -0.58
C LEU A 183 13.39 9.05 0.27
N MET A 184 14.38 9.75 -0.26
CA MET A 184 15.55 10.13 0.52
C MET A 184 15.83 11.61 0.32
N ASP A 185 16.81 12.13 1.04
CA ASP A 185 17.22 13.53 0.91
C ASP A 185 17.71 13.83 -0.51
N LEU A 186 17.12 14.85 -1.14
CA LEU A 186 17.55 15.37 -2.44
C LEU A 186 18.25 16.72 -2.38
N ASN A 187 18.44 17.27 -1.17
CA ASN A 187 19.11 18.57 -0.98
C ASN A 187 20.49 18.60 -1.60
N VAL A 188 21.31 17.62 -1.23
CA VAL A 188 22.70 17.58 -1.66
C VAL A 188 22.82 17.18 -3.13
N ILE A 189 21.96 16.25 -3.58
CA ILE A 189 21.88 15.92 -5.01
C ILE A 189 21.52 17.14 -5.89
N SER A 190 20.50 17.89 -5.50
CA SER A 190 20.05 19.04 -6.30
C SER A 190 21.09 20.15 -6.38
N GLU A 191 21.83 20.32 -5.28
CA GLU A 191 22.92 21.29 -5.18
C GLU A 191 24.08 20.93 -6.15
N ILE A 192 24.47 19.66 -6.21
CA ILE A 192 25.49 19.18 -7.19
C ILE A 192 24.99 19.36 -8.62
N ASN A 193 23.70 19.14 -8.83
CA ASN A 193 22.98 19.57 -10.04
C ASN A 193 23.27 18.69 -11.25
N PRO A 194 22.77 17.44 -11.22
CA PRO A 194 22.94 16.57 -12.39
C PRO A 194 22.04 17.02 -13.53
N ASP A 195 22.33 16.56 -14.72
CA ASP A 195 21.57 16.95 -15.90
C ASP A 195 20.16 16.37 -15.87
N ALA A 196 20.03 15.15 -15.35
CA ALA A 196 18.76 14.46 -15.21
C ALA A 196 18.72 13.70 -13.90
N LEU A 197 17.52 13.63 -13.31
CA LEU A 197 17.30 12.91 -12.04
C LEU A 197 16.03 12.10 -12.15
N MET A 198 16.12 10.80 -11.88
CA MET A 198 14.97 9.92 -12.00
C MET A 198 14.93 8.98 -10.81
N VAL A 199 13.72 8.76 -10.29
CA VAL A 199 13.49 7.79 -9.24
C VAL A 199 12.99 6.52 -9.96
N ILE A 200 13.75 5.45 -9.78
CA ILE A 200 13.43 4.16 -10.42
C ILE A 200 12.87 3.12 -9.47
N TRP A 201 12.78 3.48 -8.19
CA TRP A 201 12.13 2.65 -7.18
C TRP A 201 12.85 1.27 -7.12
N GLN A 202 12.08 0.19 -6.96
CA GLN A 202 12.57 -1.16 -6.90
C GLN A 202 11.61 -1.95 -7.75
N GLY A 203 12.06 -2.44 -8.89
CA GLY A 203 11.17 -2.88 -9.94
C GLY A 203 10.95 -4.36 -10.03
N GLY A 204 11.35 -5.12 -9.02
CA GLY A 204 11.28 -6.56 -9.06
C GLY A 204 12.33 -7.13 -9.98
N MET A 205 12.11 -8.35 -10.49
CA MET A 205 13.15 -9.09 -11.21
C MET A 205 13.39 -8.61 -12.63
N ILE A 206 12.46 -7.85 -13.20
CA ILE A 206 12.67 -7.25 -14.52
C ILE A 206 12.79 -5.73 -14.46
N GLY A 207 13.20 -5.20 -13.31
CA GLY A 207 13.28 -3.77 -13.11
C GLY A 207 14.11 -3.11 -14.18
N GLY A 208 15.27 -3.70 -14.47
CA GLY A 208 16.20 -3.18 -15.46
C GLY A 208 15.68 -3.13 -16.89
N LEU A 209 14.78 -4.05 -17.25
CA LEU A 209 14.18 -4.04 -18.57
C LEU A 209 13.32 -2.80 -18.75
N GLY A 210 12.34 -2.61 -17.88
CA GLY A 210 11.50 -1.39 -17.89
C GLY A 210 12.22 -0.07 -17.61
N THR A 211 13.27 -0.08 -16.79
CA THR A 211 14.08 1.12 -16.54
C THR A 211 14.92 1.49 -17.78
N ALA A 212 15.42 0.50 -18.52
CA ALA A 212 16.14 0.76 -19.77
C ALA A 212 15.23 1.38 -20.81
N ASP A 213 14.00 0.86 -20.89
CA ASP A 213 12.97 1.39 -21.77
C ASP A 213 12.78 2.91 -21.64
N VAL A 214 12.72 3.44 -20.42
CA VAL A 214 12.52 4.88 -20.26
C VAL A 214 13.81 5.64 -20.49
N LEU A 215 14.93 5.05 -20.07
CA LEU A 215 16.22 5.70 -20.24
C LEU A 215 16.64 5.86 -21.68
N THR A 216 16.23 4.92 -22.53
CA THR A 216 16.56 4.96 -23.96
C THR A 216 15.48 5.57 -24.84
N GLY A 217 14.35 5.99 -24.25
CA GLY A 217 13.26 6.60 -25.00
C GLY A 217 12.33 5.65 -25.71
N LYS A 218 12.54 4.34 -25.63
CA LYS A 218 11.53 3.40 -26.14
C LYS A 218 10.14 3.65 -25.50
N VAL A 219 10.13 4.02 -24.22
CA VAL A 219 8.93 4.47 -23.51
C VAL A 219 9.23 5.86 -22.91
N ASN A 220 8.24 6.76 -22.98
CA ASN A 220 8.34 8.12 -22.46
C ASN A 220 7.87 8.09 -20.99
N PRO A 221 8.71 8.53 -20.05
CA PRO A 221 8.33 8.54 -18.64
C PRO A 221 6.99 9.23 -18.41
N SER A 222 6.13 8.57 -17.64
CA SER A 222 4.84 9.10 -17.31
C SER A 222 4.48 8.91 -15.84
N GLY A 223 5.49 8.65 -15.00
CA GLY A 223 5.28 8.36 -13.58
C GLY A 223 5.11 9.63 -12.80
N LYS A 224 4.44 9.56 -11.64
CA LYS A 224 4.16 10.74 -10.78
C LYS A 224 4.34 10.42 -9.30
N LEU A 225 4.77 11.40 -8.51
CA LEU A 225 4.94 11.25 -7.08
C LEU A 225 3.63 10.99 -6.34
N THR A 226 3.66 10.02 -5.43
CA THR A 226 2.55 9.72 -4.54
C THR A 226 2.73 10.37 -3.15
N ASP A 227 3.85 11.06 -2.93
CA ASP A 227 4.09 11.85 -1.73
C ASP A 227 4.68 13.19 -2.08
N THR A 228 4.62 14.10 -1.12
CA THR A 228 5.17 15.43 -1.24
C THR A 228 6.60 15.36 -0.75
N ILE A 229 7.52 15.91 -1.54
CA ILE A 229 8.93 16.00 -1.14
C ILE A 229 9.18 17.41 -0.60
N ALA A 230 9.38 17.49 0.71
CA ALA A 230 9.68 18.73 1.37
C ALA A 230 11.16 18.93 1.32
N TYR A 231 11.58 20.13 1.68
CA TYR A 231 13.00 20.44 1.73
C TYR A 231 13.72 19.74 2.88
N GLU A 232 13.12 19.67 4.08
CA GLU A 232 13.75 19.06 5.28
C GLU A 232 12.83 18.06 5.97
N ILE A 233 13.38 17.05 6.61
CA ILE A 233 12.56 16.13 7.42
C ILE A 233 11.71 16.84 8.50
N ASN A 234 12.27 17.87 9.14
CA ASN A 234 11.51 18.66 10.12
C ASN A 234 10.32 19.48 9.57
N ASP A 235 10.29 19.69 8.25
CA ASP A 235 9.14 20.32 7.61
C ASP A 235 7.86 19.49 7.64
N TYR A 236 7.99 18.16 7.71
CA TYR A 236 6.82 17.28 7.74
C TYR A 236 6.05 17.43 9.05
N PRO A 237 4.72 17.48 8.95
CA PRO A 237 3.91 17.78 10.14
C PRO A 237 3.93 16.65 11.16
N SER A 238 4.14 15.41 10.70
CA SER A 238 4.14 14.24 11.57
C SER A 238 5.44 14.04 12.29
N THR A 239 6.55 14.62 11.82
CA THR A 239 7.91 14.32 12.36
C THR A 239 8.03 14.56 13.88
N GLU A 240 7.57 15.73 14.30
CA GLU A 240 7.41 16.08 15.72
C GLU A 240 6.82 14.91 16.58
N ASN A 241 5.85 14.17 16.04
CA ASN A 241 5.10 13.11 16.75
C ASN A 241 5.25 11.73 16.12
N PHE A 242 6.47 11.38 15.76
CA PHE A 242 6.73 10.10 15.10
C PHE A 242 8.06 9.53 15.59
N GLY A 243 8.11 8.22 15.75
CA GLY A 243 9.36 7.54 16.10
C GLY A 243 9.55 7.24 17.57
N ASP A 244 8.48 7.35 18.34
CA ASP A 244 8.46 7.07 19.75
C ASP A 244 7.92 5.63 19.88
N PRO A 245 8.71 4.71 20.47
CA PRO A 245 8.26 3.31 20.54
C PRO A 245 7.04 2.99 21.43
N VAL A 246 6.66 3.89 22.34
CA VAL A 246 5.57 3.64 23.28
C VAL A 246 4.23 4.21 22.76
N ARG A 247 4.24 5.49 22.42
CA ARG A 247 3.01 6.22 22.10
C ARG A 247 3.30 7.37 21.14
N ASP A 248 2.43 7.56 20.15
CA ASP A 248 2.51 8.69 19.24
C ASP A 248 1.16 9.36 19.10
N TYR A 249 1.13 10.68 19.23
CA TYR A 249 -0.07 11.51 19.07
C TYR A 249 -0.18 12.03 17.65
N TYR A 250 -1.27 11.71 16.97
CA TYR A 250 -1.46 12.12 15.58
C TYR A 250 -2.03 13.55 15.57
N ALA A 251 -1.20 14.49 15.99
CA ALA A 251 -1.60 15.90 16.18
C ALA A 251 -1.92 16.58 14.88
N GLU A 252 -1.27 16.14 13.80
CA GLU A 252 -1.51 16.69 12.48
C GLU A 252 -2.93 16.36 11.96
N ASP A 253 -3.55 15.34 12.52
CA ASP A 253 -4.93 15.02 12.26
C ASP A 253 -5.15 14.72 10.77
N ILE A 254 -6.05 15.43 10.09
CA ILE A 254 -6.33 15.20 8.71
C ILE A 254 -5.30 15.88 7.83
N TYR A 255 -4.41 16.67 8.44
CA TYR A 255 -3.44 17.44 7.68
C TYR A 255 -2.14 16.67 7.53
N VAL A 256 -2.21 15.56 6.77
CA VAL A 256 -1.08 14.69 6.40
C VAL A 256 -0.59 15.00 4.99
N GLY A 257 0.71 15.07 4.79
CA GLY A 257 1.27 15.27 3.45
C GLY A 257 0.82 16.57 2.77
N TYR A 258 0.34 16.47 1.53
CA TYR A 258 -0.11 17.64 0.81
C TYR A 258 -1.33 18.32 1.43
N ARG A 259 -2.10 17.60 2.25
CA ARG A 259 -3.16 18.23 3.03
C ARG A 259 -2.59 19.32 3.98
N TYR A 260 -1.38 19.10 4.51
CA TYR A 260 -0.68 20.12 5.31
C TYR A 260 0.03 21.15 4.45
N PHE A 261 0.85 20.71 3.49
CA PHE A 261 1.76 21.64 2.78
C PHE A 261 1.05 22.63 1.86
N GLU A 262 0.08 22.15 1.07
CA GLU A 262 -0.66 23.08 0.21
C GLU A 262 -1.52 24.09 1.00
N THR A 263 -1.96 23.70 2.19
CA THR A 263 -2.79 24.51 3.06
C THR A 263 -2.04 25.59 3.88
N PHE A 264 -0.90 25.21 4.48
CA PHE A 264 -0.16 26.06 5.43
C PHE A 264 1.30 26.45 5.07
N GLU A 265 1.95 25.67 4.20
CA GLU A 265 3.40 25.74 4.02
C GLU A 265 3.82 25.42 2.57
N LYS A 266 3.28 26.15 1.62
CA LYS A 266 3.65 25.99 0.20
C LYS A 266 5.17 26.09 -0.07
N SER A 267 5.84 26.99 0.64
CA SER A 267 7.28 27.25 0.45
C SER A 267 8.18 26.09 0.89
N LYS A 268 7.70 25.25 1.79
CA LYS A 268 8.48 24.10 2.24
C LYS A 268 8.49 22.92 1.28
N VAL A 269 7.81 23.01 0.15
CA VAL A 269 7.71 21.92 -0.83
C VAL A 269 8.75 22.08 -1.94
N ARG A 270 9.57 21.05 -2.18
CA ARG A 270 10.44 20.96 -3.37
C ARG A 270 9.72 20.34 -4.53
N TYR A 271 9.09 19.18 -4.31
CA TYR A 271 8.25 18.55 -5.34
C TYR A 271 6.86 18.25 -4.75
N PRO A 272 5.80 18.79 -5.36
CA PRO A 272 4.46 18.52 -4.84
C PRO A 272 3.94 17.14 -5.17
N PHE A 273 2.92 16.73 -4.42
CA PHE A 273 2.20 15.50 -4.67
C PHE A 273 1.73 15.51 -6.12
N GLY A 274 1.95 14.41 -6.82
CA GLY A 274 1.48 14.26 -8.20
C GLY A 274 2.40 14.83 -9.26
N TYR A 275 3.58 15.30 -8.84
CA TYR A 275 4.56 15.85 -9.74
C TYR A 275 5.29 14.75 -10.52
N GLY A 276 5.42 14.94 -11.83
CA GLY A 276 6.33 14.16 -12.65
C GLY A 276 6.39 14.74 -14.05
N ILE A 277 7.56 14.66 -14.70
CA ILE A 277 7.72 15.16 -16.06
C ILE A 277 8.01 14.07 -17.08
N SER A 278 8.21 14.51 -18.31
CA SER A 278 8.17 13.67 -19.47
C SER A 278 9.23 14.20 -20.43
N TYR A 279 9.47 13.46 -21.52
CA TYR A 279 10.35 13.94 -22.63
C TYR A 279 9.60 14.84 -23.59
N THR A 280 8.29 14.94 -23.44
CA THR A 280 7.47 15.89 -24.15
C THR A 280 6.84 16.84 -23.14
N GLU A 281 5.94 17.68 -23.64
CA GLU A 281 5.27 18.72 -22.84
C GLU A 281 3.79 18.63 -23.15
N PHE A 282 2.95 18.92 -22.15
CA PHE A 282 1.50 18.80 -22.30
C PHE A 282 0.81 20.11 -21.92
N GLU A 283 -0.32 20.37 -22.58
CA GLU A 283 -1.18 21.52 -22.29
C GLU A 283 -2.50 20.99 -21.78
N HIS A 284 -2.85 21.40 -20.57
CA HIS A 284 -4.12 21.00 -19.96
C HIS A 284 -5.14 22.12 -20.11
N THR A 285 -6.22 21.85 -20.83
CA THR A 285 -7.25 22.85 -21.13
C THR A 285 -8.57 22.50 -20.44
N VAL A 286 -9.02 23.37 -19.54
CA VAL A 286 -10.26 23.15 -18.76
C VAL A 286 -11.47 23.15 -19.69
N GLY A 287 -12.44 22.30 -19.38
CA GLY A 287 -13.60 22.08 -20.26
C GLY A 287 -14.91 22.28 -19.54
N GLU A 288 -15.93 21.54 -19.98
CA GLU A 288 -17.27 21.64 -19.43
C GLU A 288 -17.35 21.16 -17.95
N PHE A 289 -18.16 21.85 -17.15
CA PHE A 289 -18.37 21.51 -15.74
C PHE A 289 -19.85 21.56 -15.41
N THR A 290 -20.36 20.49 -14.82
CA THR A 290 -21.74 20.47 -14.29
C THR A 290 -21.76 19.80 -12.92
N ALA A 291 -22.74 20.19 -12.10
CA ALA A 291 -22.99 19.56 -10.80
C ALA A 291 -24.40 19.03 -10.77
N ASP A 292 -24.61 17.97 -10.01
CA ASP A 292 -25.94 17.39 -9.81
C ASP A 292 -26.15 17.14 -8.31
N ILE A 293 -26.63 18.15 -7.61
CA ILE A 293 -26.78 18.10 -6.15
C ILE A 293 -27.70 16.95 -5.68
N ASN A 294 -28.70 16.54 -6.47
CA ASN A 294 -29.63 15.48 -6.02
C ASN A 294 -29.01 14.10 -6.18
N SER A 295 -28.20 13.91 -7.23
CA SER A 295 -27.44 12.67 -7.39
C SER A 295 -26.19 12.61 -6.52
N ARG A 296 -25.82 13.74 -5.91
CA ARG A 296 -24.62 13.90 -5.10
C ARG A 296 -23.33 13.67 -5.88
N THR A 297 -23.25 14.23 -7.08
CA THR A 297 -22.06 14.13 -7.92
C THR A 297 -21.79 15.43 -8.64
N PHE A 298 -20.56 15.60 -9.12
CA PHE A 298 -20.30 16.51 -10.22
C PHE A 298 -19.58 15.79 -11.37
N THR A 299 -19.56 16.44 -12.53
CA THR A 299 -18.90 15.94 -13.72
C THR A 299 -17.96 17.02 -14.20
N ALA A 300 -16.69 16.69 -14.38
CA ALA A 300 -15.71 17.65 -14.88
C ALA A 300 -15.03 17.11 -16.13
N SER A 301 -14.95 17.92 -17.18
CA SER A 301 -14.15 17.59 -18.35
C SER A 301 -12.90 18.43 -18.47
N CYS A 302 -11.90 17.86 -19.14
CA CYS A 302 -10.75 18.64 -19.59
C CYS A 302 -10.10 17.94 -20.77
N THR A 303 -9.24 18.64 -21.46
CA THR A 303 -8.58 18.12 -22.65
C THR A 303 -7.09 18.26 -22.40
N VAL A 304 -6.34 17.17 -22.62
CA VAL A 304 -4.85 17.17 -22.52
C VAL A 304 -4.25 17.07 -23.92
N LYS A 305 -3.35 17.99 -24.26
CA LYS A 305 -2.74 18.02 -25.60
C LYS A 305 -1.23 17.88 -25.50
N ASN A 306 -0.64 17.12 -26.43
CA ASN A 306 0.80 16.95 -26.50
C ASN A 306 1.37 18.09 -27.35
N THR A 307 2.10 19.00 -26.73
CA THR A 307 2.63 20.19 -27.42
C THR A 307 4.12 20.13 -27.72
N GLY A 308 4.73 18.95 -27.56
CA GLY A 308 6.17 18.76 -27.75
C GLY A 308 6.43 17.81 -28.91
N SER A 309 7.68 17.38 -29.03
CA SER A 309 8.10 16.67 -30.26
C SER A 309 8.07 15.13 -30.22
N VAL A 310 7.72 14.52 -29.09
CA VAL A 310 7.72 13.04 -28.95
C VAL A 310 6.42 12.56 -28.30
N ALA A 311 6.00 11.34 -28.64
CA ALA A 311 4.79 10.75 -28.09
C ALA A 311 4.89 10.51 -26.58
N GLY A 312 3.76 10.53 -25.89
CA GLY A 312 3.74 10.29 -24.46
C GLY A 312 2.38 10.32 -23.80
N LYS A 313 2.37 9.92 -22.53
CA LYS A 313 1.19 9.96 -21.66
C LYS A 313 1.34 11.04 -20.62
N ASP A 314 0.20 11.60 -20.19
CA ASP A 314 0.14 12.48 -19.01
C ASP A 314 -1.06 12.12 -18.12
N VAL A 315 -1.04 12.63 -16.89
CA VAL A 315 -2.11 12.38 -15.94
C VAL A 315 -2.87 13.68 -15.64
N ALA A 316 -4.17 13.63 -15.84
CA ALA A 316 -5.08 14.69 -15.40
C ALA A 316 -5.52 14.41 -13.96
N GLN A 317 -5.19 15.31 -13.03
CA GLN A 317 -5.56 15.15 -11.63
C GLN A 317 -6.58 16.20 -11.21
N PHE A 318 -7.65 15.75 -10.55
CA PHE A 318 -8.73 16.61 -10.11
C PHE A 318 -8.78 16.71 -8.60
N TYR A 319 -8.92 17.94 -8.11
CA TYR A 319 -8.90 18.27 -6.68
C TYR A 319 -10.09 19.13 -6.28
N VAL A 320 -10.55 19.01 -5.05
CA VAL A 320 -11.67 19.81 -4.55
C VAL A 320 -11.16 20.66 -3.37
N SER A 321 -11.49 21.96 -3.40
CA SER A 321 -11.35 22.83 -2.23
C SER A 321 -12.71 23.02 -1.55
N ALA A 322 -12.85 22.45 -0.36
CA ALA A 322 -14.10 22.54 0.41
C ALA A 322 -14.09 23.85 1.22
N PRO A 323 -15.29 24.39 1.53
CA PRO A 323 -15.40 25.61 2.33
C PRO A 323 -14.94 25.34 3.75
N GLN A 324 -14.24 26.27 4.37
CA GLN A 324 -13.63 25.98 5.66
C GLN A 324 -14.69 25.61 6.68
N GLY A 325 -15.80 26.33 6.69
CA GLY A 325 -16.91 26.03 7.61
C GLY A 325 -16.45 26.06 9.05
N LYS A 326 -17.07 25.25 9.89
CA LYS A 326 -16.73 25.16 11.32
C LYS A 326 -15.66 24.12 11.67
N LEU A 327 -15.48 23.12 10.79
CA LEU A 327 -14.51 22.04 11.02
C LEU A 327 -13.08 22.38 10.55
N GLY A 328 -12.94 23.16 9.50
CA GLY A 328 -11.62 23.41 8.88
C GLY A 328 -11.35 22.35 7.82
N LYS A 329 -10.74 22.74 6.71
CA LYS A 329 -10.48 21.80 5.60
C LYS A 329 -9.06 22.03 5.04
N PRO A 330 -8.49 20.98 4.42
CA PRO A 330 -7.30 21.23 3.64
C PRO A 330 -7.66 22.08 2.41
N GLU A 331 -6.70 22.86 1.92
CA GLU A 331 -6.92 23.69 0.72
C GLU A 331 -7.40 22.82 -0.45
N LYS A 332 -6.76 21.65 -0.67
CA LYS A 332 -7.15 20.72 -1.76
C LYS A 332 -7.08 19.25 -1.36
N VAL A 333 -8.04 18.46 -1.84
CA VAL A 333 -8.05 17.01 -1.66
C VAL A 333 -8.28 16.33 -3.03
N LEU A 334 -7.50 15.28 -3.33
CA LEU A 334 -7.61 14.56 -4.59
C LEU A 334 -8.91 13.78 -4.59
N VAL A 335 -9.65 13.88 -5.69
CA VAL A 335 -10.91 13.17 -5.87
C VAL A 335 -11.03 12.34 -7.13
N ALA A 336 -10.15 12.57 -8.11
CA ALA A 336 -10.19 11.81 -9.36
C ALA A 336 -8.91 12.01 -10.15
N PHE A 337 -8.59 11.02 -11.00
CA PHE A 337 -7.46 11.15 -11.89
C PHE A 337 -7.61 10.23 -13.07
N LYS A 338 -6.98 10.59 -14.17
CA LYS A 338 -7.06 9.78 -15.38
C LYS A 338 -5.80 9.97 -16.18
N LYS A 339 -5.15 8.86 -16.50
CA LYS A 339 -3.98 8.87 -17.35
C LYS A 339 -4.44 8.68 -18.79
N THR A 340 -3.84 9.45 -19.69
CA THR A 340 -4.14 9.39 -21.10
C THR A 340 -3.58 8.12 -21.73
N GLY A 341 -4.06 7.79 -22.94
CA GLY A 341 -3.35 6.87 -23.83
C GLY A 341 -2.05 7.53 -24.30
N ILE A 342 -1.25 6.79 -25.05
CA ILE A 342 -0.09 7.41 -25.70
C ILE A 342 -0.63 8.42 -26.74
N LEU A 343 -0.20 9.67 -26.60
CA LEU A 343 -0.61 10.76 -27.46
C LEU A 343 0.55 11.15 -28.36
N ASN A 344 0.34 11.12 -29.69
CA ASN A 344 1.36 11.60 -30.63
C ASN A 344 1.47 13.13 -30.64
N PRO A 345 2.64 13.69 -31.02
CA PRO A 345 2.80 15.16 -31.03
C PRO A 345 1.66 15.90 -31.72
N GLY A 346 1.10 16.91 -31.06
CA GLY A 346 -0.02 17.67 -31.57
C GLY A 346 -1.38 17.00 -31.43
N LYS A 347 -1.46 15.77 -30.92
CA LYS A 347 -2.75 15.13 -30.62
C LYS A 347 -3.22 15.42 -29.18
N GLU A 348 -4.49 15.09 -28.96
CA GLU A 348 -5.16 15.42 -27.71
C GLU A 348 -6.26 14.41 -27.31
N GLU A 349 -6.59 14.37 -26.03
CA GLU A 349 -7.61 13.47 -25.51
C GLU A 349 -8.53 14.26 -24.58
N LYS A 350 -9.84 14.05 -24.75
CA LYS A 350 -10.86 14.57 -23.83
C LYS A 350 -11.03 13.61 -22.65
N ILE A 351 -10.80 14.13 -21.45
CA ILE A 351 -10.92 13.40 -20.21
C ILE A 351 -12.15 13.88 -19.45
N THR A 352 -13.02 12.95 -19.08
CA THR A 352 -14.24 13.25 -18.33
C THR A 352 -14.33 12.36 -17.09
N VAL A 353 -14.56 12.96 -15.92
CA VAL A 353 -14.72 12.20 -14.66
C VAL A 353 -16.04 12.58 -14.00
N THR A 354 -16.63 11.62 -13.29
CA THR A 354 -17.82 11.86 -12.49
C THR A 354 -17.44 11.54 -11.04
N VAL A 355 -17.61 12.51 -10.15
CA VAL A 355 -17.10 12.43 -8.77
C VAL A 355 -18.28 12.48 -7.80
N PRO A 356 -18.52 11.41 -7.02
CA PRO A 356 -19.56 11.48 -5.99
C PRO A 356 -19.07 12.25 -4.79
N PHE A 357 -19.99 12.93 -4.13
CA PHE A 357 -19.68 13.87 -3.05
C PHE A 357 -19.00 13.22 -1.83
N ASP A 358 -19.24 11.92 -1.63
CA ASP A 358 -18.55 11.22 -0.55
C ASP A 358 -17.01 11.21 -0.66
N ARG A 359 -16.42 11.49 -1.83
CA ARG A 359 -14.96 11.62 -1.92
C ARG A 359 -14.38 12.85 -1.26
N PHE A 360 -15.20 13.86 -1.00
CA PHE A 360 -14.69 15.04 -0.33
C PHE A 360 -15.54 15.48 0.86
N ALA A 361 -16.19 14.51 1.48
CA ALA A 361 -16.96 14.78 2.67
C ALA A 361 -16.01 14.88 3.83
N SER A 362 -16.54 15.35 4.95
CA SER A 362 -15.80 15.53 6.17
C SER A 362 -16.54 14.86 7.29
N PHE A 363 -15.81 14.32 8.24
CA PHE A 363 -16.39 13.64 9.37
C PHE A 363 -16.47 14.57 10.55
N ASP A 364 -17.68 14.79 11.06
CA ASP A 364 -17.89 15.64 12.23
C ASP A 364 -17.75 14.83 13.55
N ASP A 365 -16.60 14.96 14.19
CA ASP A 365 -16.38 14.25 15.46
C ASP A 365 -16.69 15.05 16.73
N THR A 366 -16.91 16.36 16.60
CA THR A 366 -17.22 17.26 17.72
C THR A 366 -18.70 17.70 17.81
N GLY A 367 -19.46 17.56 16.72
CA GLY A 367 -20.85 18.00 16.67
C GLY A 367 -21.10 19.45 16.25
N VAL A 368 -20.04 20.20 15.92
CA VAL A 368 -20.18 21.62 15.49
C VAL A 368 -20.98 21.87 14.20
N THR A 369 -21.22 20.86 13.37
CA THR A 369 -22.11 21.01 12.18
C THR A 369 -23.57 20.66 12.49
N GLY A 370 -23.81 20.19 13.72
CA GLY A 370 -25.11 19.66 14.14
C GLY A 370 -25.35 18.22 13.69
N ALA A 371 -24.29 17.53 13.31
CA ALA A 371 -24.39 16.16 12.85
C ALA A 371 -23.14 15.36 13.31
N GLU A 372 -23.03 15.16 14.63
CA GLU A 372 -21.92 14.40 15.20
C GLU A 372 -21.99 12.96 14.71
N SER A 373 -20.82 12.42 14.34
CA SER A 373 -20.67 11.05 13.85
C SER A 373 -21.28 10.84 12.46
N CYS A 374 -21.20 11.87 11.62
CA CYS A 374 -21.66 11.80 10.26
C CYS A 374 -20.58 12.33 9.31
N PHE A 375 -20.59 11.76 8.12
CA PHE A 375 -19.89 12.36 7.02
C PHE A 375 -20.81 13.48 6.52
N VAL A 376 -20.28 14.69 6.40
CA VAL A 376 -21.06 15.86 5.99
C VAL A 376 -20.32 16.76 5.00
N LEU A 377 -21.11 17.46 4.21
CA LEU A 377 -20.65 18.54 3.35
C LEU A 377 -21.17 19.84 3.97
N GLU A 378 -20.29 20.62 4.57
CA GLU A 378 -20.70 21.89 5.17
C GLU A 378 -21.20 22.88 4.10
N ALA A 379 -21.96 23.90 4.52
CA ALA A 379 -22.47 24.91 3.59
C ALA A 379 -21.35 25.84 3.23
N GLY A 380 -21.36 26.31 1.99
CA GLY A 380 -20.32 27.20 1.45
C GLY A 380 -20.00 26.86 0.00
N GLU A 381 -18.90 27.42 -0.48
CA GLU A 381 -18.43 27.21 -1.88
C GLU A 381 -17.44 26.05 -2.04
N TYR A 382 -17.78 25.12 -2.91
CA TYR A 382 -16.90 24.03 -3.38
C TYR A 382 -16.26 24.42 -4.72
N THR A 383 -14.93 24.48 -4.75
CA THR A 383 -14.20 24.74 -5.99
C THR A 383 -13.45 23.48 -6.46
N VAL A 384 -13.58 23.14 -7.74
CA VAL A 384 -12.87 22.04 -8.35
C VAL A 384 -11.67 22.56 -9.16
N TYR A 385 -10.52 21.90 -9.02
CA TYR A 385 -9.28 22.24 -9.74
C TYR A 385 -8.80 21.08 -10.61
N GLU A 386 -8.19 21.37 -11.75
CA GLU A 386 -7.64 20.32 -12.62
C GLU A 386 -6.23 20.67 -13.02
N GLY A 387 -5.34 19.68 -13.05
CA GLY A 387 -3.97 19.96 -13.40
C GLY A 387 -3.01 18.79 -13.38
N LYS A 388 -1.75 19.13 -13.51
CA LYS A 388 -0.67 18.18 -13.67
C LYS A 388 -0.20 17.66 -12.33
N ASN A 389 -0.33 18.50 -11.31
CA ASN A 389 -0.06 18.09 -9.94
C ASN A 389 -0.88 18.98 -9.00
N VAL A 390 -0.76 18.82 -7.68
CA VAL A 390 -1.61 19.56 -6.75
C VAL A 390 -1.32 21.07 -6.78
N ARG A 391 -0.06 21.44 -6.96
CA ARG A 391 0.31 22.86 -7.00
C ARG A 391 -0.17 23.51 -8.29
N GLU A 392 0.15 22.86 -9.41
CA GLU A 392 -0.15 23.37 -10.75
C GLU A 392 -1.49 22.79 -11.17
N SER A 393 -2.51 23.07 -10.36
CA SER A 393 -3.91 22.69 -10.66
C SER A 393 -4.76 23.96 -10.63
N TYR A 394 -5.64 24.10 -11.62
CA TYR A 394 -6.32 25.37 -11.91
C TYR A 394 -7.83 25.20 -11.94
N LYS A 395 -8.53 26.31 -11.67
CA LYS A 395 -9.99 26.35 -11.51
C LYS A 395 -10.72 25.75 -12.71
N GLU A 396 -11.53 24.76 -12.42
CA GLU A 396 -12.26 23.98 -13.38
C GLU A 396 -13.79 24.23 -13.27
N GLY A 397 -14.26 24.74 -12.13
CA GLY A 397 -15.69 24.85 -11.86
C GLY A 397 -15.96 25.08 -10.38
N SER A 398 -17.19 25.45 -10.07
CA SER A 398 -17.59 25.68 -8.67
C SER A 398 -19.09 25.59 -8.51
N PHE A 399 -19.49 25.30 -7.28
CA PHE A 399 -20.91 25.28 -6.90
C PHE A 399 -20.97 25.63 -5.42
N THR A 400 -22.16 26.05 -4.98
CA THR A 400 -22.32 26.55 -3.62
C THR A 400 -23.54 25.87 -3.05
N LEU A 401 -23.45 25.52 -1.77
CA LEU A 401 -24.52 24.88 -1.01
C LEU A 401 -24.96 25.82 0.09
N GLU A 402 -26.27 26.05 0.20
CA GLU A 402 -26.81 26.95 1.23
C GLU A 402 -27.00 26.24 2.58
N GLU A 403 -27.14 24.91 2.52
CA GLU A 403 -27.37 24.08 3.72
C GLU A 403 -26.40 22.90 3.70
N ASN A 404 -26.03 22.41 4.88
CA ASN A 404 -25.31 21.15 5.02
C ASN A 404 -26.01 19.98 4.31
N ILE A 405 -25.24 19.08 3.71
CA ILE A 405 -25.76 17.78 3.25
C ILE A 405 -25.06 16.68 4.07
N VAL A 406 -25.85 15.87 4.75
CA VAL A 406 -25.32 14.72 5.50
C VAL A 406 -25.22 13.57 4.52
N THR A 407 -24.00 13.15 4.15
CA THR A 407 -23.81 12.04 3.20
C THR A 407 -24.02 10.64 3.81
N GLU A 408 -23.69 10.46 5.10
CA GLU A 408 -23.86 9.16 5.78
C GLU A 408 -23.92 9.28 7.31
N LYS A 409 -24.86 8.58 7.93
CA LYS A 409 -24.99 8.53 9.40
C LYS A 409 -24.22 7.34 9.95
N LEU A 410 -23.19 7.62 10.74
CA LEU A 410 -22.34 6.56 11.31
C LEU A 410 -22.47 6.53 12.86
N SER A 411 -21.39 6.26 13.60
CA SER A 411 -21.49 6.28 15.06
C SER A 411 -20.15 6.62 15.70
N LYS A 412 -20.18 6.81 17.01
CA LYS A 412 -19.00 7.15 17.79
C LYS A 412 -18.20 5.86 17.98
N ALA A 413 -17.17 5.65 17.14
CA ALA A 413 -16.43 4.39 17.13
C ALA A 413 -14.95 4.64 17.02
N LEU A 414 -14.18 3.85 17.77
CA LEU A 414 -12.72 3.89 17.76
C LEU A 414 -12.18 5.26 18.15
N ALA A 415 -12.90 5.92 19.06
CA ALA A 415 -12.53 7.26 19.53
C ALA A 415 -11.37 7.21 20.53
N PRO A 416 -10.60 8.31 20.64
CA PRO A 416 -9.47 8.35 21.56
C PRO A 416 -9.90 8.30 23.02
N MET A 417 -9.10 7.60 23.82
CA MET A 417 -9.33 7.41 25.26
C MET A 417 -8.62 8.42 26.15
N GLU A 418 -7.89 9.35 25.55
CA GLU A 418 -7.23 10.43 26.28
C GLU A 418 -7.26 11.67 25.42
N SER A 419 -7.11 12.84 26.03
CA SER A 419 -7.11 14.12 25.32
C SER A 419 -5.70 14.50 24.84
N PHE A 420 -5.66 15.12 23.67
CA PHE A 420 -4.42 15.65 23.12
C PHE A 420 -4.84 16.81 22.25
N LYS A 421 -3.87 17.64 21.86
CA LYS A 421 -4.14 18.77 21.00
C LYS A 421 -3.94 18.37 19.54
N ARG A 422 -4.90 18.73 18.68
CA ARG A 422 -4.78 18.54 17.24
C ARG A 422 -4.74 19.84 16.49
N MET A 423 -4.18 19.81 15.28
CA MET A 423 -4.19 20.95 14.38
C MET A 423 -5.59 21.28 13.89
N LYS A 424 -5.78 22.59 13.69
CA LYS A 424 -7.02 23.20 13.28
C LYS A 424 -6.64 24.25 12.24
N ALA A 425 -7.30 24.25 11.09
CA ALA A 425 -7.13 25.32 10.10
C ALA A 425 -7.85 26.56 10.61
N SER A 426 -7.09 27.60 10.97
CA SER A 426 -7.66 28.89 11.39
C SER A 426 -7.33 29.99 10.38
N GLU A 427 -8.35 30.63 9.84
CA GLU A 427 -8.16 31.67 8.82
C GLU A 427 -7.95 33.03 9.47
N ASN A 428 -6.74 33.58 9.34
CA ASN A 428 -6.43 34.94 9.81
C ASN A 428 -7.22 35.91 8.94
N SER A 429 -7.50 37.11 9.46
CA SER A 429 -8.41 38.08 8.80
C SER A 429 -8.00 38.60 7.38
N ASP A 430 -6.76 38.32 6.94
CA ASP A 430 -6.39 38.45 5.50
C ASP A 430 -6.69 37.18 4.63
N GLY A 431 -7.34 36.17 5.21
CA GLY A 431 -7.74 34.94 4.50
C GLY A 431 -6.68 33.86 4.32
N THR A 432 -5.54 34.06 4.97
CA THR A 432 -4.52 33.05 4.99
C THR A 432 -4.93 32.01 6.01
N LEU A 433 -4.49 30.78 5.81
CA LEU A 433 -4.80 29.75 6.75
C LEU A 433 -3.57 29.52 7.58
N SER A 434 -3.73 29.43 8.88
CA SER A 434 -2.64 29.18 9.81
C SER A 434 -2.94 28.06 10.78
N VAL A 435 -1.91 27.45 11.36
CA VAL A 435 -2.11 26.34 12.30
C VAL A 435 -2.43 26.88 13.70
N LYS A 436 -3.57 26.46 14.24
CA LYS A 436 -3.88 26.62 15.66
C LYS A 436 -4.11 25.23 16.20
N TYR A 437 -4.19 25.09 17.52
CA TYR A 437 -4.44 23.82 18.16
C TYR A 437 -5.75 23.80 18.97
N GLU A 438 -6.43 22.66 19.01
CA GLU A 438 -7.71 22.50 19.71
C GLU A 438 -7.73 21.14 20.42
N ASP A 439 -8.47 21.05 21.51
CA ASP A 439 -8.58 19.78 22.25
C ASP A 439 -9.39 18.75 21.45
N VAL A 440 -8.93 17.50 21.45
CA VAL A 440 -9.71 16.41 20.88
C VAL A 440 -10.60 15.88 21.99
N PRO A 441 -11.93 15.80 21.75
CA PRO A 441 -12.83 15.27 22.78
C PRO A 441 -12.60 13.78 23.06
N VAL A 442 -12.69 13.41 24.32
CA VAL A 442 -12.46 12.04 24.78
C VAL A 442 -13.72 11.19 24.52
N SER A 443 -13.51 9.90 24.23
CA SER A 443 -14.59 8.92 24.01
C SER A 443 -15.50 8.82 25.24
N ASP A 444 -16.79 8.60 25.01
CA ASP A 444 -17.75 8.33 26.10
C ASP A 444 -18.59 7.08 25.81
N VAL A 445 -18.03 6.17 25.00
CA VAL A 445 -18.72 4.95 24.59
C VAL A 445 -18.59 3.96 25.74
N ASP A 446 -19.71 3.32 26.09
CA ASP A 446 -19.73 2.20 27.04
C ASP A 446 -19.59 0.92 26.20
N GLU A 447 -18.37 0.39 26.15
CA GLU A 447 -18.02 -0.72 25.24
C GLU A 447 -18.66 -2.03 25.64
N LYS A 448 -18.77 -2.28 26.95
CA LYS A 448 -19.42 -3.51 27.43
C LYS A 448 -20.88 -3.58 27.00
N LYS A 449 -21.60 -2.48 27.17
CA LYS A 449 -23.00 -2.38 26.75
C LYS A 449 -23.17 -2.58 25.24
N ARG A 450 -22.31 -1.92 24.46
CA ARG A 450 -22.35 -2.01 22.98
C ARG A 450 -22.23 -3.46 22.52
N ARG A 451 -21.28 -4.18 23.11
CA ARG A 451 -21.08 -5.60 22.82
C ARG A 451 -22.32 -6.44 23.20
N LEU A 452 -22.89 -6.18 24.38
CA LEU A 452 -24.08 -6.93 24.87
C LEU A 452 -25.37 -6.62 24.12
N ASP A 453 -25.58 -5.36 23.77
CA ASP A 453 -26.74 -4.95 22.97
C ASP A 453 -26.77 -5.48 21.54
N ASN A 454 -25.61 -5.84 20.99
CA ASN A 454 -25.53 -6.31 19.61
C ASN A 454 -25.04 -7.75 19.54
N MET A 455 -25.20 -8.48 20.64
CA MET A 455 -24.80 -9.88 20.73
C MET A 455 -25.55 -10.71 19.70
N PRO A 456 -24.84 -11.50 18.89
CA PRO A 456 -25.55 -12.37 17.93
C PRO A 456 -26.36 -13.49 18.58
N VAL A 457 -27.31 -14.06 17.83
CA VAL A 457 -28.15 -15.12 18.34
C VAL A 457 -27.43 -16.45 18.16
N GLU A 458 -27.43 -17.25 19.22
CA GLU A 458 -26.85 -18.60 19.19
C GLU A 458 -27.68 -19.53 18.32
N ILE A 459 -26.99 -20.42 17.63
CA ILE A 459 -27.62 -21.46 16.81
C ILE A 459 -27.56 -22.77 17.61
N PRO A 460 -28.71 -23.44 17.84
CA PRO A 460 -28.66 -24.69 18.63
C PRO A 460 -27.91 -25.82 17.91
N GLN A 461 -26.97 -26.43 18.64
CA GLN A 461 -26.16 -27.49 18.06
C GLN A 461 -26.94 -28.75 17.78
N ASP A 462 -26.50 -29.50 16.77
CA ASP A 462 -27.16 -30.72 16.31
C ASP A 462 -26.12 -31.63 15.66
N PHE A 463 -25.60 -32.60 16.42
CA PHE A 463 -24.54 -33.48 15.95
C PHE A 463 -24.97 -34.68 15.10
N THR A 464 -26.28 -34.92 14.96
CA THR A 464 -26.79 -35.93 14.01
C THR A 464 -26.95 -35.37 12.58
N ALA A 465 -27.01 -34.05 12.43
CA ALA A 465 -27.06 -33.40 11.11
C ALA A 465 -25.73 -33.53 10.40
N ARG A 466 -25.67 -34.39 9.38
CA ARG A 466 -24.44 -34.60 8.61
C ARG A 466 -24.43 -33.80 7.28
N TYR A 467 -24.87 -32.55 7.33
CA TYR A 467 -24.78 -31.63 6.19
C TYR A 467 -23.32 -31.27 5.89
N SER A 468 -23.00 -31.20 4.60
CA SER A 468 -21.67 -30.82 4.13
C SER A 468 -21.67 -29.32 3.75
N LEU A 469 -20.49 -28.71 3.72
CA LEU A 469 -20.32 -27.35 3.24
C LEU A 469 -20.64 -27.24 1.75
N LYS A 470 -20.46 -28.33 1.02
CA LYS A 470 -20.95 -28.45 -0.37
C LYS A 470 -22.47 -28.17 -0.49
N ASP A 471 -23.24 -28.61 0.50
CA ASP A 471 -24.69 -28.38 0.52
C ASP A 471 -25.04 -26.92 0.78
N VAL A 472 -24.15 -26.18 1.44
CA VAL A 472 -24.38 -24.74 1.63
C VAL A 472 -24.11 -24.03 0.32
N LEU A 473 -23.00 -24.39 -0.31
CA LEU A 473 -22.58 -23.85 -1.62
C LEU A 473 -23.59 -24.11 -2.73
N SER A 474 -24.13 -25.33 -2.79
CA SER A 474 -25.15 -25.68 -3.78
C SER A 474 -26.45 -24.87 -3.63
N GLY A 475 -26.79 -24.47 -2.40
CA GLY A 475 -28.05 -23.75 -2.10
C GLY A 475 -29.02 -24.60 -1.30
N SER A 476 -28.76 -25.91 -1.27
CA SER A 476 -29.57 -26.90 -0.57
C SER A 476 -29.92 -26.54 0.89
N VAL A 477 -28.96 -26.00 1.66
CA VAL A 477 -29.25 -25.54 3.03
C VAL A 477 -28.62 -24.19 3.35
N ASP A 478 -29.20 -23.57 4.37
CA ASP A 478 -28.73 -22.30 4.90
C ASP A 478 -27.41 -22.54 5.62
N MET A 479 -26.54 -21.54 5.64
CA MET A 479 -25.29 -21.63 6.38
C MET A 479 -25.54 -21.93 7.87
N GLU A 480 -26.56 -21.29 8.46
CA GLU A 480 -26.99 -21.54 9.88
C GLU A 480 -27.28 -23.03 10.17
N LYS A 481 -27.93 -23.68 9.21
CA LYS A 481 -28.28 -25.11 9.29
C LYS A 481 -27.03 -26.00 9.34
N PHE A 482 -26.04 -25.67 8.52
CA PHE A 482 -24.73 -26.36 8.51
C PHE A 482 -23.92 -26.15 9.78
N ILE A 483 -23.85 -24.90 10.24
CA ILE A 483 -22.95 -24.59 11.34
C ILE A 483 -23.37 -25.25 12.66
N ALA A 484 -24.65 -25.59 12.77
CA ALA A 484 -25.20 -26.38 13.89
C ALA A 484 -24.35 -27.61 14.22
N ARG A 485 -23.86 -28.26 13.18
CA ARG A 485 -23.06 -29.48 13.30
C ARG A 485 -21.75 -29.31 14.09
N LEU A 486 -21.21 -28.09 14.16
CA LEU A 486 -19.91 -27.89 14.82
C LEU A 486 -19.97 -27.98 16.36
N SER A 487 -19.16 -28.88 16.90
CA SER A 487 -18.96 -28.97 18.34
C SER A 487 -18.17 -27.77 18.83
N ASP A 488 -18.09 -27.60 20.15
CA ASP A 488 -17.23 -26.58 20.73
C ASP A 488 -15.73 -26.82 20.45
N ASP A 489 -15.31 -28.08 20.39
CA ASP A 489 -13.95 -28.44 19.94
C ASP A 489 -13.71 -27.93 18.53
N ASP A 490 -14.63 -28.22 17.62
CA ASP A 490 -14.60 -27.75 16.21
C ASP A 490 -14.58 -26.21 16.10
N LEU A 491 -15.46 -25.54 16.87
CA LEU A 491 -15.52 -24.08 16.91
C LEU A 491 -14.25 -23.43 17.45
N ALA A 492 -13.67 -23.99 18.51
CA ALA A 492 -12.41 -23.46 19.02
C ALA A 492 -11.25 -23.75 18.05
N CYS A 493 -11.37 -24.82 17.28
CA CYS A 493 -10.34 -25.19 16.33
C CYS A 493 -10.33 -24.32 15.06
N ILE A 494 -11.51 -24.08 14.48
CA ILE A 494 -11.63 -23.38 13.20
C ILE A 494 -11.16 -21.93 13.24
N VAL A 495 -11.18 -21.29 14.41
CA VAL A 495 -10.63 -19.93 14.50
C VAL A 495 -9.10 -19.88 14.65
N ARG A 496 -8.42 -21.02 14.53
CA ARG A 496 -6.96 -21.08 14.58
C ARG A 496 -6.36 -21.27 13.18
N GLY A 497 -5.38 -20.45 12.84
CA GLY A 497 -4.59 -20.65 11.66
C GLY A 497 -3.39 -21.51 12.01
N GLU A 498 -3.03 -22.41 11.10
CA GLU A 498 -1.89 -23.30 11.31
C GLU A 498 -0.76 -22.85 10.43
N GLY A 499 0.41 -22.69 11.01
CA GLY A 499 1.60 -22.31 10.28
C GLY A 499 2.77 -22.01 11.21
N MET A 500 3.90 -21.51 10.67
CA MET A 500 4.13 -21.38 9.24
C MET A 500 4.54 -22.72 8.64
N GLY A 501 4.19 -22.91 7.37
CA GLY A 501 4.58 -24.11 6.66
C GLY A 501 3.77 -25.33 7.03
N SER A 502 2.50 -25.13 7.36
CA SER A 502 1.61 -26.27 7.61
C SER A 502 1.64 -27.25 6.42
N SER A 503 1.52 -28.54 6.71
CA SER A 503 1.58 -29.57 5.69
C SER A 503 0.24 -29.80 4.98
N LEU A 504 -0.78 -29.05 5.37
CA LEU A 504 -2.11 -29.15 4.73
C LEU A 504 -2.12 -28.41 3.38
N VAL A 505 -1.15 -27.51 3.22
CA VAL A 505 -1.07 -26.66 2.04
C VAL A 505 0.37 -26.64 1.51
N THR A 506 0.53 -26.04 0.34
CA THR A 506 1.82 -25.91 -0.32
C THR A 506 2.94 -25.54 0.66
N ALA A 507 4.06 -26.24 0.56
CA ALA A 507 5.17 -26.03 1.47
C ALA A 507 5.73 -24.64 1.32
N GLY A 508 6.08 -24.06 2.47
CA GLY A 508 6.82 -22.82 2.52
C GLY A 508 5.93 -21.60 2.52
N THR A 509 4.61 -21.78 2.63
CA THR A 509 3.68 -20.66 2.64
C THR A 509 3.41 -20.27 4.10
N ALA A 510 2.66 -19.18 4.30
CA ALA A 510 2.47 -18.58 5.62
C ALA A 510 1.44 -19.25 6.52
N ALA A 511 0.37 -19.80 5.94
CA ALA A 511 -0.64 -20.46 6.76
C ALA A 511 -1.67 -21.29 5.97
N ALA A 512 -2.37 -22.13 6.74
CA ALA A 512 -3.53 -22.85 6.32
C ALA A 512 -4.66 -22.44 7.27
N PHE A 513 -5.89 -22.44 6.78
CA PHE A 513 -7.05 -22.23 7.64
C PHE A 513 -8.30 -22.84 7.05
N GLY A 514 -9.37 -22.89 7.84
CA GLY A 514 -10.57 -23.59 7.44
C GLY A 514 -10.50 -25.01 7.95
N GLY A 515 -10.13 -25.95 7.08
CA GLY A 515 -10.05 -27.37 7.42
C GLY A 515 -8.74 -27.78 8.11
N VAL A 516 -8.56 -27.30 9.35
CA VAL A 516 -7.34 -27.54 10.13
C VAL A 516 -7.49 -28.69 11.14
N SER A 517 -8.59 -29.42 11.08
CA SER A 517 -8.72 -30.70 11.75
C SER A 517 -9.34 -31.69 10.79
N GLU A 518 -9.18 -32.96 11.13
CA GLU A 518 -9.79 -34.09 10.43
C GLU A 518 -11.31 -33.99 10.46
N TYR A 519 -11.84 -33.60 11.61
CA TYR A 519 -13.29 -33.35 11.80
C TYR A 519 -13.85 -32.22 10.94
N LEU A 520 -13.11 -31.11 10.84
CA LEU A 520 -13.49 -29.99 9.94
C LEU A 520 -13.34 -30.37 8.46
N ARG A 521 -12.30 -31.14 8.11
CA ARG A 521 -12.13 -31.61 6.73
C ARG A 521 -13.22 -32.60 6.29
N LYS A 522 -13.74 -33.39 7.23
CA LYS A 522 -14.85 -34.33 6.96
C LYS A 522 -16.15 -33.59 6.60
N MET A 523 -16.29 -32.37 7.09
CA MET A 523 -17.39 -31.48 6.72
C MET A 523 -17.21 -30.78 5.34
N ASP A 524 -16.12 -31.09 4.63
CA ASP A 524 -15.78 -30.47 3.34
C ASP A 524 -15.43 -29.00 3.49
N ILE A 525 -14.88 -28.65 4.66
CA ILE A 525 -14.20 -27.39 4.83
C ILE A 525 -12.79 -27.65 4.30
N PRO A 526 -12.38 -26.95 3.22
CA PRO A 526 -11.06 -27.14 2.67
C PRO A 526 -10.00 -26.37 3.45
N ALA A 527 -8.75 -26.80 3.33
CA ALA A 527 -7.63 -26.07 3.91
C ALA A 527 -7.23 -24.98 2.92
N VAL A 528 -7.31 -23.73 3.35
CA VAL A 528 -7.06 -22.57 2.51
C VAL A 528 -5.68 -22.00 2.81
N CYS A 529 -4.93 -21.72 1.76
CA CYS A 529 -3.52 -21.37 1.86
C CYS A 529 -3.31 -19.87 1.72
N CYS A 530 -2.63 -19.27 2.69
CA CYS A 530 -2.19 -17.87 2.66
C CYS A 530 -0.72 -17.82 2.42
N ASP A 531 -0.27 -16.75 1.76
CA ASP A 531 1.14 -16.54 1.54
C ASP A 531 1.44 -15.08 1.27
N ASP A 532 2.53 -14.57 1.86
CA ASP A 532 3.13 -13.29 1.43
C ASP A 532 3.48 -13.37 -0.05
N GLY A 533 3.44 -12.26 -0.78
CA GLY A 533 3.14 -10.91 -0.31
C GLY A 533 2.87 -10.00 -1.50
N PRO A 534 2.75 -8.67 -1.28
CA PRO A 534 2.33 -7.79 -2.39
C PRO A 534 3.21 -7.85 -3.63
N SER A 535 4.51 -8.00 -3.45
CA SER A 535 5.45 -8.01 -4.56
C SER A 535 5.67 -9.41 -5.15
N GLY A 536 4.87 -10.40 -4.79
CA GLY A 536 4.98 -11.77 -5.32
C GLY A 536 5.11 -12.83 -4.26
N MET A 537 4.90 -14.06 -4.67
CA MET A 537 4.91 -15.18 -3.76
C MET A 537 6.27 -15.52 -3.09
N ARG A 538 6.26 -15.42 -1.77
CA ARG A 538 7.36 -15.82 -0.92
C ARG A 538 7.18 -17.29 -0.62
N LEU A 539 8.12 -18.11 -1.04
CA LEU A 539 8.04 -19.54 -0.77
C LEU A 539 9.34 -19.93 -0.07
N ASP A 540 9.25 -20.20 1.23
CA ASP A 540 10.43 -20.49 2.08
C ASP A 540 11.04 -21.88 1.83
N SER A 541 10.36 -22.69 1.03
CA SER A 541 10.95 -23.86 0.37
C SER A 541 12.08 -23.54 -0.62
N GLY A 542 12.24 -22.29 -1.01
CA GLY A 542 13.21 -21.94 -2.05
C GLY A 542 12.64 -21.94 -3.47
N ALA A 543 11.43 -22.45 -3.69
CA ALA A 543 10.85 -22.39 -5.04
C ALA A 543 10.74 -20.94 -5.54
N THR A 544 10.92 -20.78 -6.85
CA THR A 544 10.96 -19.46 -7.46
C THR A 544 9.55 -19.02 -7.83
N ALA A 545 9.38 -17.71 -7.87
CA ALA A 545 8.10 -17.09 -8.27
C ALA A 545 8.36 -15.74 -8.96
N PHE A 546 7.33 -15.15 -9.56
CA PHE A 546 7.47 -13.81 -10.14
C PHE A 546 7.64 -12.71 -9.05
N SER A 547 8.74 -11.97 -9.13
CA SER A 547 8.99 -10.82 -8.27
C SER A 547 8.55 -9.54 -9.01
N MET A 548 7.49 -8.91 -8.53
CA MET A 548 6.92 -7.71 -9.16
C MET A 548 7.44 -6.42 -8.52
N PRO A 549 7.27 -5.24 -9.19
CA PRO A 549 7.67 -3.95 -8.59
C PRO A 549 7.06 -3.68 -7.23
N ASN A 550 7.74 -2.87 -6.41
CA ASN A 550 7.23 -2.50 -5.09
C ASN A 550 5.96 -1.63 -5.19
N GLY A 551 5.25 -1.47 -4.08
CA GLY A 551 3.97 -0.78 -4.04
C GLY A 551 4.03 0.69 -4.40
N THR A 552 5.06 1.39 -3.95
CA THR A 552 5.23 2.78 -4.27
C THR A 552 5.38 3.00 -5.78
N MET A 553 6.06 2.08 -6.46
CA MET A 553 6.17 2.14 -7.90
C MET A 553 4.85 1.81 -8.58
N LEU A 554 4.11 0.83 -8.06
CA LEU A 554 2.74 0.58 -8.53
C LEU A 554 1.88 1.86 -8.47
N ALA A 555 1.99 2.59 -7.37
CA ALA A 555 1.15 3.75 -7.13
C ALA A 555 1.53 4.91 -8.03
N SER A 556 2.82 5.04 -8.30
CA SER A 556 3.31 6.09 -9.16
C SER A 556 2.86 5.95 -10.64
N THR A 557 2.38 4.77 -11.06
CA THR A 557 1.78 4.69 -12.39
C THR A 557 0.55 5.57 -12.53
N PHE A 558 -0.16 5.86 -11.44
CA PHE A 558 -1.44 6.52 -11.51
C PHE A 558 -2.31 5.84 -12.57
N ASN A 559 -2.13 4.52 -12.74
CA ASN A 559 -2.77 3.82 -13.83
C ASN A 559 -3.32 2.48 -13.34
N PRO A 560 -4.54 2.49 -12.80
CA PRO A 560 -5.15 1.28 -12.31
C PRO A 560 -5.21 0.14 -13.31
N ASP A 561 -5.44 0.43 -14.60
CA ASP A 561 -5.51 -0.66 -15.63
C ASP A 561 -4.21 -1.44 -15.84
N VAL A 562 -3.07 -0.75 -15.89
CA VAL A 562 -1.79 -1.42 -16.02
C VAL A 562 -1.50 -2.34 -14.80
N ILE A 563 -1.84 -1.88 -13.61
CA ILE A 563 -1.71 -2.70 -12.40
C ILE A 563 -2.62 -3.94 -12.40
N GLU A 564 -3.89 -3.74 -12.70
CA GLU A 564 -4.85 -4.82 -12.82
C GLU A 564 -4.49 -5.89 -13.86
N ARG A 565 -3.89 -5.50 -14.99
CA ARG A 565 -3.42 -6.46 -15.99
C ARG A 565 -2.33 -7.39 -15.42
N MET A 566 -1.34 -6.80 -14.74
CA MET A 566 -0.22 -7.55 -14.15
C MET A 566 -0.73 -8.59 -13.16
N TYR A 567 -1.55 -8.13 -12.21
CA TYR A 567 -2.06 -9.00 -11.18
C TYR A 567 -3.09 -10.02 -11.70
N GLY A 568 -3.58 -9.85 -12.91
CA GLY A 568 -4.34 -10.92 -13.59
C GLY A 568 -3.45 -12.12 -13.87
N PHE A 569 -2.17 -11.87 -14.17
CA PHE A 569 -1.20 -12.97 -14.29
C PHE A 569 -0.88 -13.59 -12.93
N THR A 570 -0.65 -12.76 -11.92
CA THR A 570 -0.44 -13.24 -10.56
C THR A 570 -1.63 -14.06 -10.09
N SER A 571 -2.84 -13.70 -10.50
CA SER A 571 -4.02 -14.55 -10.23
C SER A 571 -3.84 -16.00 -10.68
N LEU A 572 -3.28 -16.20 -11.88
CA LEU A 572 -3.03 -17.55 -12.40
C LEU A 572 -1.84 -18.26 -11.73
N GLU A 573 -0.79 -17.51 -11.44
CA GLU A 573 0.39 -18.04 -10.76
C GLU A 573 0.03 -18.61 -9.39
N MET A 574 -0.88 -17.94 -8.70
CA MET A 574 -1.36 -18.39 -7.40
C MET A 574 -2.08 -19.72 -7.45
N ILE A 575 -3.01 -19.86 -8.37
CA ILE A 575 -3.70 -21.12 -8.64
C ILE A 575 -2.69 -22.24 -8.99
N TYR A 576 -1.69 -21.92 -9.79
CA TYR A 576 -0.65 -22.89 -10.16
C TYR A 576 0.07 -23.41 -8.95
N ASN A 577 0.38 -22.50 -8.01
CA ASN A 577 1.05 -22.84 -6.73
C ASN A 577 0.08 -23.19 -5.61
N LYS A 578 -1.21 -23.32 -5.91
CA LYS A 578 -2.25 -23.60 -4.93
C LYS A 578 -2.18 -22.68 -3.69
N VAL A 579 -2.12 -21.38 -3.96
CA VAL A 579 -2.19 -20.35 -2.94
C VAL A 579 -3.46 -19.56 -3.22
N GLU A 580 -4.38 -19.53 -2.25
CA GLU A 580 -5.68 -18.87 -2.42
C GLU A 580 -5.71 -17.39 -1.97
N CYS A 581 -4.87 -17.01 -1.02
CA CYS A 581 -4.89 -15.67 -0.40
C CYS A 581 -3.51 -15.04 -0.38
N LEU A 582 -3.31 -13.98 -1.17
CA LEU A 582 -2.04 -13.27 -1.12
C LEU A 582 -2.12 -12.23 0.00
N LEU A 583 -1.11 -12.19 0.87
CA LEU A 583 -1.12 -11.23 1.99
C LEU A 583 -0.69 -9.85 1.47
N GLY A 584 -1.64 -9.19 0.85
CA GLY A 584 -1.46 -7.88 0.23
C GLY A 584 -2.75 -7.51 -0.48
N PRO A 585 -2.98 -6.23 -0.75
CA PRO A 585 -2.00 -5.15 -0.64
C PRO A 585 -1.79 -4.59 0.78
N GLY A 586 -0.54 -4.24 1.08
CA GLY A 586 -0.22 -3.35 2.17
C GLY A 586 -0.70 -1.98 1.78
N MET A 587 -1.49 -1.33 2.63
CA MET A 587 -2.10 -0.08 2.23
C MET A 587 -2.30 0.92 3.35
N ASN A 588 -1.35 0.91 4.26
CA ASN A 588 -1.27 1.91 5.30
C ASN A 588 -0.81 3.20 4.66
N ILE A 589 -1.24 4.30 5.24
CA ILE A 589 -0.90 5.62 4.73
C ILE A 589 0.57 5.95 5.02
N HIS A 590 1.22 6.67 4.10
CA HIS A 590 2.57 7.19 4.30
C HIS A 590 2.51 8.39 5.23
N ARG A 591 2.45 8.15 6.52
CA ARG A 591 2.34 9.24 7.49
C ARG A 591 3.64 10.02 7.57
N ASN A 592 4.77 9.32 7.58
CA ASN A 592 6.10 9.95 7.63
C ASN A 592 7.07 9.25 6.62
N PRO A 593 7.95 10.01 5.94
CA PRO A 593 8.93 9.39 5.04
C PRO A 593 9.86 8.32 5.64
N LEU A 594 10.15 8.43 6.94
CA LEU A 594 11.09 7.55 7.63
C LEU A 594 10.52 6.17 8.03
N ASN A 595 9.24 5.91 7.80
CA ASN A 595 8.66 4.57 8.05
C ASN A 595 9.33 3.60 7.08
N GLY A 596 9.89 2.52 7.64
CA GLY A 596 10.62 1.54 6.84
C GLY A 596 9.82 0.76 5.81
N ARG A 597 8.55 0.48 6.11
CA ARG A 597 7.71 -0.29 5.19
C ARG A 597 7.02 0.56 4.13
N ASN A 598 7.32 1.86 4.05
CA ASN A 598 6.68 2.69 3.01
C ASN A 598 6.80 2.10 1.62
N PHE A 599 7.88 1.38 1.34
CA PHE A 599 8.10 0.76 0.01
C PHE A 599 6.96 -0.13 -0.47
N GLU A 600 6.26 -0.82 0.43
CA GLU A 600 5.18 -1.72 -0.01
C GLU A 600 3.81 -1.15 0.23
N TYR A 601 3.74 0.13 0.53
CA TYR A 601 2.48 0.87 0.60
C TYR A 601 2.46 1.86 -0.58
N PHE A 602 1.36 2.60 -0.73
CA PHE A 602 1.09 3.33 -1.95
C PHE A 602 1.34 4.83 -1.85
N SER A 603 0.73 5.49 -0.86
CA SER A 603 0.58 6.95 -0.90
C SER A 603 0.36 7.62 0.45
N GLU A 604 0.57 8.93 0.49
CA GLU A 604 0.05 9.78 1.59
C GLU A 604 -1.43 10.14 1.41
N ASP A 605 -1.97 9.92 0.21
CA ASP A 605 -3.36 10.19 -0.10
C ASP A 605 -4.20 8.93 -0.01
N PRO A 606 -5.35 9.02 0.67
CA PRO A 606 -6.23 7.87 0.79
C PRO A 606 -7.05 7.51 -0.46
N TYR A 607 -7.39 8.48 -1.30
CA TYR A 607 -8.14 8.16 -2.51
C TYR A 607 -7.26 7.28 -3.45
N LEU A 608 -6.04 7.73 -3.68
CA LEU A 608 -5.05 7.00 -4.48
C LEU A 608 -4.74 5.64 -3.86
N ASN A 609 -4.41 5.67 -2.57
CA ASN A 609 -4.18 4.46 -1.79
C ASN A 609 -5.30 3.42 -1.99
N GLY A 610 -6.54 3.79 -1.78
CA GLY A 610 -7.68 2.88 -2.05
C GLY A 610 -7.87 2.45 -3.51
N THR A 611 -7.62 3.38 -4.45
CA THR A 611 -7.84 3.10 -5.87
C THR A 611 -6.80 2.12 -6.42
N ILE A 612 -5.54 2.27 -6.02
CA ILE A 612 -4.45 1.33 -6.37
C ILE A 612 -4.69 -0.06 -5.72
N ALA A 613 -5.01 -0.09 -4.43
CA ALA A 613 -5.33 -1.34 -3.75
C ALA A 613 -6.46 -2.11 -4.47
N SER A 614 -7.48 -1.37 -4.87
CA SER A 614 -8.60 -1.97 -5.56
C SER A 614 -8.22 -2.55 -6.94
N ALA A 615 -7.30 -1.90 -7.62
CA ALA A 615 -6.78 -2.36 -8.90
C ALA A 615 -6.06 -3.69 -8.71
N MET A 616 -5.15 -3.72 -7.76
CA MET A 616 -4.47 -4.95 -7.41
C MET A 616 -5.50 -6.08 -7.11
N LEU A 617 -6.54 -5.78 -6.35
CA LEU A 617 -7.55 -6.80 -6.01
C LEU A 617 -8.37 -7.29 -7.20
N LYS A 618 -8.78 -6.37 -8.07
CA LYS A 618 -9.47 -6.76 -9.30
C LYS A 618 -8.61 -7.65 -10.18
N GLY A 619 -7.30 -7.38 -10.18
CA GLY A 619 -6.32 -8.30 -10.80
C GLY A 619 -6.43 -9.70 -10.22
N LEU A 620 -6.16 -9.82 -8.91
CA LEU A 620 -6.22 -11.11 -8.21
C LEU A 620 -7.56 -11.83 -8.35
N HIS A 621 -8.67 -11.09 -8.34
CA HIS A 621 -10.02 -11.69 -8.51
C HIS A 621 -10.32 -12.25 -9.90
N LYS A 622 -9.53 -11.88 -10.92
CA LYS A 622 -9.83 -12.27 -12.29
C LYS A 622 -10.12 -13.77 -12.48
N TYR A 623 -9.25 -14.62 -11.93
CA TYR A 623 -9.41 -16.09 -12.03
C TYR A 623 -9.82 -16.76 -10.72
N GLY A 624 -10.16 -15.97 -9.70
CA GLY A 624 -10.75 -16.47 -8.46
C GLY A 624 -9.83 -16.52 -7.27
N SER A 625 -8.61 -16.01 -7.40
CA SER A 625 -7.70 -15.85 -6.24
C SER A 625 -8.14 -14.65 -5.43
N ASP A 626 -7.40 -14.31 -4.39
CA ASP A 626 -7.78 -13.20 -3.52
C ASP A 626 -6.59 -12.56 -2.85
N GLY A 627 -6.83 -11.36 -2.34
CA GLY A 627 -5.86 -10.62 -1.54
C GLY A 627 -6.38 -10.42 -0.13
N VAL A 628 -5.53 -9.92 0.74
CA VAL A 628 -5.86 -9.67 2.13
C VAL A 628 -5.32 -8.27 2.40
N ALA A 629 -6.21 -7.30 2.53
CA ALA A 629 -5.80 -5.92 2.80
C ALA A 629 -5.16 -5.90 4.18
N LYS A 630 -4.03 -5.23 4.31
CA LYS A 630 -3.31 -5.08 5.60
C LYS A 630 -2.65 -3.70 5.66
N HIS A 631 -2.21 -3.23 6.83
CA HIS A 631 -2.56 -3.73 8.19
C HIS A 631 -3.56 -2.77 8.83
N PHE A 632 -4.74 -3.31 9.16
CA PHE A 632 -5.94 -2.53 9.52
C PHE A 632 -5.93 -2.21 11.00
N CYS A 633 -5.63 -1.01 11.45
CA CYS A 633 -5.21 0.15 10.68
C CYS A 633 -4.16 0.92 11.52
N CYS A 634 -3.64 2.03 10.99
CA CYS A 634 -2.64 2.87 11.65
C CYS A 634 -1.31 2.22 12.03
N ASN A 635 -0.85 1.26 11.22
CA ASN A 635 0.53 0.77 11.33
C ASN A 635 1.39 1.64 10.40
N ASN A 636 1.75 2.83 10.89
CA ASN A 636 2.52 3.84 10.12
C ASN A 636 3.97 3.97 10.61
N GLN A 637 4.41 3.01 11.42
CA GLN A 637 5.68 3.07 12.11
C GLN A 637 6.13 1.66 12.45
N GLU A 638 7.38 1.34 12.16
CA GLU A 638 7.93 0.03 12.47
C GLU A 638 8.56 -0.05 13.86
N LEU A 639 9.19 1.01 14.35
CA LEU A 639 9.80 1.00 15.68
C LEU A 639 8.73 0.80 16.76
N GLY A 640 8.90 -0.28 17.52
CA GLY A 640 8.05 -0.58 18.66
C GLY A 640 6.68 -1.08 18.29
N ARG A 641 6.54 -1.65 17.10
CA ARG A 641 5.21 -1.98 16.55
C ARG A 641 4.49 -3.14 17.26
N GLN A 642 5.17 -3.84 18.16
CA GLN A 642 4.51 -4.87 18.99
C GLN A 642 3.65 -4.30 20.12
N ALA A 643 3.88 -3.03 20.45
CA ALA A 643 3.13 -2.37 21.52
C ALA A 643 2.74 -0.88 21.32
N CYS A 644 3.32 -0.21 20.34
CA CYS A 644 3.07 1.22 20.10
C CYS A 644 1.58 1.57 20.06
N ASP A 645 1.25 2.75 20.58
CA ASP A 645 -0.11 3.19 20.70
C ASP A 645 -0.26 4.39 19.80
N SER A 646 -1.00 4.21 18.70
CA SER A 646 -1.36 5.32 17.85
C SER A 646 -2.57 5.98 18.47
N VAL A 647 -2.42 7.23 18.92
CA VAL A 647 -3.48 8.04 19.50
C VAL A 647 -3.97 9.03 18.44
N VAL A 648 -5.17 8.79 17.93
CA VAL A 648 -5.66 9.45 16.73
C VAL A 648 -7.16 9.73 16.84
N SER A 649 -7.58 10.89 16.34
CA SER A 649 -8.98 11.31 16.39
C SER A 649 -9.84 10.47 15.44
N GLN A 650 -11.16 10.52 15.64
CA GLN A 650 -12.12 9.87 14.74
C GLN A 650 -12.13 10.44 13.34
N ARG A 651 -11.98 11.77 13.24
CA ARG A 651 -12.04 12.41 11.93
C ARG A 651 -10.84 11.98 11.08
N ALA A 652 -9.66 11.99 11.69
CA ALA A 652 -8.45 11.58 11.02
C ALA A 652 -8.54 10.12 10.63
N LEU A 653 -9.04 9.26 11.55
CA LEU A 653 -9.36 7.86 11.23
C LEU A 653 -10.36 7.68 10.06
N ARG A 654 -11.49 8.38 10.08
CA ARG A 654 -12.53 8.20 9.05
C ARG A 654 -12.15 8.73 7.67
N GLU A 655 -11.49 9.90 7.63
CA GLU A 655 -11.10 10.58 6.38
C GLU A 655 -9.74 10.13 5.78
N ILE A 656 -8.83 9.65 6.63
CA ILE A 656 -7.45 9.36 6.20
C ILE A 656 -7.06 7.89 6.37
N TYR A 657 -7.01 7.38 7.62
CA TYR A 657 -6.44 6.04 7.90
C TYR A 657 -7.36 4.88 7.54
N LEU A 658 -8.67 5.03 7.74
CA LEU A 658 -9.63 3.99 7.36
C LEU A 658 -10.11 4.09 5.93
N LYS A 659 -10.00 5.27 5.31
CA LYS A 659 -10.69 5.54 4.04
C LYS A 659 -10.26 4.63 2.88
N GLY A 660 -8.96 4.39 2.78
CA GLY A 660 -8.42 3.47 1.78
C GLY A 660 -8.97 2.08 1.94
N PHE A 661 -9.03 1.61 3.17
CA PHE A 661 -9.62 0.32 3.44
C PHE A 661 -11.10 0.30 3.08
N GLU A 662 -11.81 1.39 3.36
CA GLU A 662 -13.24 1.50 2.99
C GLU A 662 -13.41 1.32 1.47
N ILE A 663 -12.54 1.99 0.71
CA ILE A 663 -12.57 1.91 -0.75
C ILE A 663 -12.26 0.51 -1.23
N ALA A 664 -11.30 -0.14 -0.59
CA ALA A 664 -10.99 -1.54 -0.93
C ALA A 664 -12.20 -2.44 -0.75
N VAL A 665 -13.03 -2.17 0.25
CA VAL A 665 -14.25 -2.94 0.47
C VAL A 665 -15.32 -2.62 -0.54
N LYS A 666 -15.62 -1.35 -0.75
CA LYS A 666 -16.75 -0.93 -1.59
C LYS A 666 -16.44 -0.92 -3.10
N GLU A 667 -15.21 -0.62 -3.50
CA GLU A 667 -14.82 -0.61 -4.91
C GLU A 667 -13.98 -1.86 -5.26
N GLY A 668 -13.08 -2.28 -4.38
CA GLY A 668 -12.19 -3.41 -4.65
C GLY A 668 -12.80 -4.80 -4.50
N GLY A 669 -13.94 -4.91 -3.83
CA GLY A 669 -14.51 -6.20 -3.49
C GLY A 669 -13.72 -6.99 -2.45
N CYS A 670 -12.93 -6.30 -1.62
CA CYS A 670 -12.13 -6.97 -0.58
C CYS A 670 -12.97 -7.80 0.39
N LYS A 671 -12.57 -9.05 0.56
CA LYS A 671 -13.25 -10.07 1.36
C LYS A 671 -12.36 -10.58 2.50
N ALA A 672 -11.19 -10.00 2.73
CA ALA A 672 -10.28 -10.47 3.77
C ALA A 672 -9.38 -9.34 4.22
N PHE A 673 -9.27 -9.16 5.54
CA PHE A 673 -8.47 -8.10 6.15
C PHE A 673 -7.53 -8.70 7.16
N MET A 674 -6.41 -8.02 7.39
CA MET A 674 -5.44 -8.39 8.42
C MET A 674 -5.27 -7.23 9.40
N THR A 675 -5.35 -7.50 10.70
CA THR A 675 -5.13 -6.46 11.74
C THR A 675 -3.66 -6.25 12.03
N THR A 676 -3.33 -5.40 13.00
CA THR A 676 -1.95 -5.02 13.29
C THR A 676 -1.36 -5.63 14.55
N TYR A 677 -0.07 -5.43 14.68
CA TYR A 677 0.69 -5.82 15.86
C TYR A 677 0.56 -4.82 17.01
N ALA A 678 0.06 -3.61 16.72
CA ALA A 678 0.17 -2.50 17.63
C ALA A 678 -1.18 -2.06 18.19
N GLN A 679 -1.18 -0.98 18.95
CA GLN A 679 -2.43 -0.46 19.50
C GLN A 679 -2.90 0.79 18.75
N VAL A 680 -4.21 0.92 18.61
CA VAL A 680 -4.88 2.12 18.15
C VAL A 680 -5.86 2.57 19.23
N ASN A 681 -5.61 3.75 19.79
CA ASN A 681 -6.41 4.30 20.86
C ASN A 681 -6.59 3.35 22.06
N GLY A 682 -5.46 2.90 22.59
CA GLY A 682 -5.38 2.29 23.92
C GLY A 682 -5.66 0.81 24.06
N MET A 683 -5.83 0.11 22.94
CA MET A 683 -5.85 -1.34 22.96
C MET A 683 -5.38 -1.93 21.63
N TRP A 684 -5.06 -3.23 21.67
CA TRP A 684 -4.57 -3.92 20.50
C TRP A 684 -5.68 -4.05 19.49
N THR A 685 -5.29 -4.05 18.22
CA THR A 685 -6.27 -4.02 17.12
C THR A 685 -7.02 -5.34 16.94
N ALA A 686 -6.35 -6.45 17.24
CA ALA A 686 -6.94 -7.77 17.06
C ALA A 686 -8.19 -7.99 17.90
N GLY A 687 -8.30 -7.30 19.04
CA GLY A 687 -9.46 -7.44 19.92
C GLY A 687 -10.34 -6.21 20.00
N ASN A 688 -10.24 -5.32 19.01
CA ASN A 688 -11.03 -4.09 19.03
C ASN A 688 -12.39 -4.28 18.34
N TYR A 689 -13.46 -4.26 19.13
CA TYR A 689 -14.80 -4.44 18.63
C TYR A 689 -15.17 -3.35 17.60
N ASP A 690 -14.82 -2.11 17.92
CA ASP A 690 -15.19 -0.97 17.07
C ASP A 690 -14.61 -1.07 15.65
N LEU A 691 -13.39 -1.59 15.56
CA LEU A 691 -12.69 -1.75 14.31
C LEU A 691 -13.25 -2.91 13.46
N ASN A 692 -13.36 -4.09 14.07
CA ASN A 692 -13.63 -5.34 13.37
C ASN A 692 -15.10 -5.68 13.17
N THR A 693 -15.97 -5.14 14.04
CA THR A 693 -17.43 -5.34 13.91
C THR A 693 -18.17 -4.03 13.56
N ARG A 694 -18.03 -3.00 14.38
CA ARG A 694 -18.82 -1.79 14.20
C ARG A 694 -18.56 -1.14 12.83
N ILE A 695 -17.30 -0.80 12.58
CA ILE A 695 -16.94 -0.06 11.38
C ILE A 695 -16.93 -0.99 10.18
N LEU A 696 -16.23 -2.10 10.31
CA LEU A 696 -15.96 -2.94 9.18
C LEU A 696 -17.23 -3.60 8.67
N ARG A 697 -18.07 -4.13 9.56
CA ARG A 697 -19.19 -4.98 9.16
C ARG A 697 -20.51 -4.27 9.14
N ASP A 698 -20.86 -3.64 10.27
CA ASP A 698 -22.16 -2.98 10.45
C ASP A 698 -22.26 -1.72 9.59
N GLU A 699 -21.21 -0.92 9.60
CA GLU A 699 -21.16 0.33 8.82
C GLU A 699 -20.81 0.18 7.30
N TRP A 700 -19.74 -0.54 6.94
CA TRP A 700 -19.30 -0.65 5.54
C TRP A 700 -19.90 -1.84 4.80
N GLY A 701 -20.47 -2.81 5.52
CA GLY A 701 -21.08 -3.98 4.87
C GLY A 701 -20.12 -5.07 4.40
N PHE A 702 -18.91 -5.08 4.95
CA PHE A 702 -17.93 -6.17 4.68
C PHE A 702 -18.48 -7.56 4.99
N LYS A 703 -18.38 -8.49 4.06
CA LYS A 703 -18.77 -9.89 4.27
C LYS A 703 -17.54 -10.73 4.00
N GLY A 704 -16.81 -11.06 5.05
CA GLY A 704 -15.54 -11.72 4.90
C GLY A 704 -14.88 -12.08 6.22
N ILE A 705 -13.56 -12.22 6.17
CA ILE A 705 -12.77 -12.71 7.29
C ILE A 705 -11.80 -11.66 7.68
N VAL A 706 -11.54 -11.57 8.98
CA VAL A 706 -10.44 -10.78 9.51
C VAL A 706 -9.51 -11.77 10.19
N MET A 707 -8.20 -11.54 10.07
CA MET A 707 -7.21 -12.44 10.61
C MET A 707 -6.21 -11.59 11.38
N THR A 708 -5.48 -12.18 12.33
CA THR A 708 -4.44 -11.44 13.03
C THR A 708 -3.21 -11.29 12.14
N ASP A 709 -2.33 -10.35 12.51
CA ASP A 709 -0.97 -10.41 12.00
C ASP A 709 -0.27 -11.62 12.68
N TRP A 710 0.87 -12.03 12.15
CA TRP A 710 1.46 -13.31 12.53
C TRP A 710 2.09 -13.32 13.94
N TRP A 711 1.48 -14.09 14.84
CA TRP A 711 1.86 -14.15 16.26
C TRP A 711 1.63 -12.82 16.98
N ALA A 712 0.60 -12.10 16.55
CA ALA A 712 0.23 -10.84 17.16
C ALA A 712 -0.33 -11.05 18.58
N GLN A 713 -0.18 -10.00 19.39
CA GLN A 713 -0.76 -9.95 20.72
C GLN A 713 -2.21 -9.48 20.61
N VAL A 714 -3.00 -9.86 21.61
CA VAL A 714 -4.40 -9.49 21.74
C VAL A 714 -4.68 -9.17 23.21
N ASN A 715 -5.60 -8.25 23.49
CA ASN A 715 -6.04 -7.98 24.86
C ASN A 715 -7.48 -7.52 24.95
N ASP A 716 -8.01 -7.52 26.17
CA ASP A 716 -9.25 -6.81 26.51
C ASP A 716 -8.82 -5.43 26.98
N ARG A 717 -9.64 -4.39 26.78
CA ARG A 717 -9.22 -3.03 27.17
C ARG A 717 -8.89 -3.00 28.64
N GLY A 718 -7.75 -2.37 28.95
CA GLY A 718 -7.16 -2.33 30.29
C GLY A 718 -6.29 -3.53 30.66
N GLY A 719 -6.42 -4.63 29.92
CA GLY A 719 -5.75 -5.88 30.24
C GLY A 719 -4.37 -6.07 29.62
N GLU A 720 -3.75 -7.16 30.04
CA GLU A 720 -2.39 -7.49 29.67
C GLU A 720 -2.42 -8.18 28.27
N PRO A 721 -1.48 -7.84 27.37
CA PRO A 721 -1.42 -8.50 26.07
C PRO A 721 -0.87 -9.93 26.15
N THR A 722 -1.42 -10.85 25.37
CA THR A 722 -0.88 -12.19 25.26
C THR A 722 -1.10 -12.66 23.85
N LYS A 723 -0.39 -13.72 23.46
CA LYS A 723 -0.50 -14.27 22.10
C LYS A 723 -1.47 -15.42 22.08
N ASN A 724 -2.20 -15.64 23.18
CA ASN A 724 -3.17 -16.74 23.23
C ASN A 724 -4.52 -16.38 23.84
N ASN A 725 -4.83 -15.08 23.86
CA ASN A 725 -6.15 -14.61 24.26
C ASN A 725 -7.09 -14.52 23.04
N THR A 726 -7.42 -15.69 22.50
CA THR A 726 -8.28 -15.80 21.34
C THR A 726 -9.74 -15.47 21.64
N ALA A 727 -10.15 -15.54 22.89
CA ALA A 727 -11.50 -15.19 23.28
C ALA A 727 -11.71 -13.69 23.13
N ALA A 728 -10.71 -12.89 23.49
CA ALA A 728 -10.78 -11.44 23.24
C ALA A 728 -10.92 -11.16 21.74
N MET A 729 -10.14 -11.90 20.96
CA MET A 729 -10.12 -11.79 19.52
C MET A 729 -11.51 -12.14 18.94
N VAL A 730 -12.06 -13.27 19.34
CA VAL A 730 -13.38 -13.67 18.85
C VAL A 730 -14.49 -12.73 19.31
N ARG A 731 -14.34 -12.10 20.46
CA ARG A 731 -15.39 -11.17 20.92
C ARG A 731 -15.46 -9.93 20.01
N ALA A 732 -14.35 -9.60 19.37
CA ALA A 732 -14.27 -8.47 18.46
C ALA A 732 -14.67 -8.82 17.03
N GLN A 733 -14.74 -10.11 16.71
CA GLN A 733 -15.01 -10.62 15.36
C GLN A 733 -13.76 -10.52 14.47
N ASN A 734 -12.60 -10.57 15.10
CA ASN A 734 -11.38 -10.96 14.43
C ASN A 734 -11.43 -12.50 14.38
N ASP A 735 -11.66 -13.06 13.20
CA ASP A 735 -12.09 -14.46 13.04
C ASP A 735 -11.00 -15.52 13.13
N LEU A 736 -9.73 -15.15 12.96
CA LEU A 736 -8.63 -16.11 12.76
C LEU A 736 -7.36 -15.69 13.47
N TYR A 737 -6.90 -16.51 14.44
CA TYR A 737 -5.58 -16.28 15.03
C TYR A 737 -4.51 -16.91 14.15
N MET A 738 -3.60 -16.08 13.65
CA MET A 738 -2.52 -16.54 12.80
C MET A 738 -1.25 -16.33 13.62
N VAL A 739 -0.47 -17.36 13.95
CA VAL A 739 -0.68 -18.78 13.66
C VAL A 739 -0.23 -19.63 14.84
N THR A 740 -0.61 -20.91 14.77
CA THR A 740 -0.28 -21.93 15.76
C THR A 740 0.36 -23.14 15.03
N ALA A 741 1.32 -23.80 15.66
CA ALA A 741 2.01 -24.96 15.06
C ALA A 741 1.10 -26.17 14.77
N ASN A 742 0.11 -26.37 15.62
CA ASN A 742 -0.82 -27.49 15.51
C ASN A 742 -2.19 -27.09 16.11
N ALA A 743 -3.18 -26.84 15.24
CA ALA A 743 -4.42 -26.19 15.66
C ALA A 743 -5.34 -27.15 16.39
N ALA A 744 -5.51 -28.34 15.82
CA ALA A 744 -6.32 -29.38 16.46
C ALA A 744 -5.89 -29.76 17.90
N MET A 745 -4.59 -29.62 18.21
CA MET A 745 -4.05 -29.91 19.55
C MET A 745 -3.92 -28.66 20.41
N ASN A 746 -4.50 -27.53 19.98
CA ASN A 746 -4.33 -26.26 20.69
C ASN A 746 -2.87 -26.02 21.18
N SER A 747 -1.92 -26.16 20.27
CA SER A 747 -0.49 -25.95 20.54
C SER A 747 -0.16 -24.67 21.31
N ALA A 748 -0.93 -23.60 21.13
CA ALA A 748 -0.68 -22.33 21.83
C ALA A 748 -1.33 -22.20 23.22
N ASN A 749 -2.09 -23.24 23.66
CA ASN A 749 -2.88 -23.21 24.89
C ASN A 749 -3.69 -21.94 24.95
N ASP A 750 -4.53 -21.73 23.93
CA ASP A 750 -5.42 -20.58 23.96
C ASP A 750 -6.60 -20.79 24.92
N ASN A 751 -7.33 -19.71 25.17
CA ASN A 751 -8.32 -19.67 26.24
C ASN A 751 -9.75 -19.74 25.74
N THR A 752 -9.96 -20.19 24.50
CA THR A 752 -11.28 -20.13 23.88
C THR A 752 -12.26 -20.94 24.75
N LEU A 753 -11.94 -22.21 24.95
CA LEU A 753 -12.82 -23.11 25.70
C LEU A 753 -12.99 -22.75 27.17
N SER A 754 -11.93 -22.34 27.86
CA SER A 754 -12.06 -21.95 29.25
C SER A 754 -12.95 -20.72 29.39
N GLN A 755 -12.78 -19.72 28.53
CA GLN A 755 -13.67 -18.55 28.56
C GLN A 755 -15.13 -18.89 28.16
N LEU A 756 -15.33 -19.87 27.30
CA LEU A 756 -16.70 -20.31 26.95
C LEU A 756 -17.42 -21.03 28.12
N SER A 757 -16.71 -21.91 28.83
CA SER A 757 -17.29 -22.54 30.03
C SER A 757 -17.69 -21.48 31.09
N GLU A 758 -16.82 -20.50 31.33
CA GLU A 758 -17.13 -19.39 32.28
C GLU A 758 -18.22 -18.40 31.83
N GLY A 759 -18.71 -18.49 30.58
CA GLY A 759 -19.70 -17.54 30.05
C GLY A 759 -19.16 -16.19 29.62
N LYS A 760 -17.84 -15.97 29.72
CA LYS A 760 -17.21 -14.69 29.33
C LYS A 760 -17.04 -14.59 27.80
N LEU A 761 -17.28 -15.69 27.10
CA LEU A 761 -17.36 -15.75 25.66
C LEU A 761 -18.61 -16.55 25.35
N ASN A 762 -19.46 -16.04 24.45
CA ASN A 762 -20.73 -16.69 24.13
C ASN A 762 -20.55 -17.55 22.90
N ARG A 763 -21.20 -18.72 22.90
CA ARG A 763 -21.15 -19.63 21.76
C ARG A 763 -21.52 -18.92 20.45
N ALA A 764 -22.49 -18.01 20.50
CA ALA A 764 -22.94 -17.31 19.31
C ALA A 764 -21.81 -16.54 18.63
N GLU A 765 -20.89 -15.98 19.43
CA GLU A 765 -19.75 -15.26 18.90
C GLU A 765 -18.78 -16.21 18.15
N LEU A 766 -18.59 -17.43 18.66
CA LEU A 766 -17.74 -18.41 17.96
C LEU A 766 -18.38 -18.85 16.66
N GLN A 767 -19.70 -19.04 16.67
CA GLN A 767 -20.41 -19.47 15.49
C GLN A 767 -20.41 -18.37 14.41
N ARG A 768 -20.41 -17.11 14.84
CA ARG A 768 -20.36 -15.99 13.91
C ARG A 768 -19.03 -16.03 13.13
N CYS A 769 -17.91 -16.09 13.84
CA CYS A 769 -16.60 -16.35 13.21
C CYS A 769 -16.52 -17.60 12.29
N ALA A 770 -17.13 -18.70 12.71
CA ALA A 770 -17.09 -19.92 11.92
C ALA A 770 -17.90 -19.81 10.62
N MET A 771 -18.98 -19.03 10.66
CA MET A 771 -19.76 -18.76 9.46
C MET A 771 -19.01 -17.81 8.51
N ASN A 772 -18.27 -16.85 9.06
CA ASN A 772 -17.41 -16.00 8.23
C ASN A 772 -16.32 -16.82 7.55
N ILE A 773 -15.68 -17.69 8.32
CA ILE A 773 -14.61 -18.52 7.80
C ILE A 773 -15.13 -19.48 6.74
N CYS A 774 -16.32 -20.04 6.96
CA CYS A 774 -16.85 -21.07 6.06
C CYS A 774 -17.36 -20.48 4.77
N GLU A 775 -18.01 -19.32 4.85
CA GLU A 775 -18.57 -18.62 3.67
C GLU A 775 -17.44 -18.11 2.81
N TYR A 776 -16.35 -17.65 3.41
CA TYR A 776 -15.17 -17.31 2.67
C TYR A 776 -14.58 -18.57 2.02
N ALA A 777 -14.39 -19.60 2.82
CA ALA A 777 -13.68 -20.79 2.38
C ALA A 777 -14.38 -21.47 1.21
N MET A 778 -15.72 -21.52 1.23
CA MET A 778 -16.45 -22.18 0.13
C MET A 778 -16.34 -21.50 -1.26
N ASN A 779 -15.96 -20.23 -1.31
CA ASN A 779 -15.76 -19.53 -2.58
C ASN A 779 -14.29 -19.45 -3.03
N THR A 780 -13.38 -20.14 -2.33
CA THR A 780 -11.99 -20.13 -2.70
C THR A 780 -11.73 -21.19 -3.74
N MET A 781 -10.55 -21.13 -4.36
CA MET A 781 -10.12 -22.18 -5.30
C MET A 781 -9.89 -23.55 -4.60
N ALA A 782 -9.62 -23.56 -3.30
CA ALA A 782 -9.49 -24.80 -2.54
C ALA A 782 -10.80 -25.58 -2.46
N MET A 783 -11.92 -24.87 -2.36
CA MET A 783 -13.22 -25.52 -2.40
C MET A 783 -13.43 -26.14 -3.78
N LYS A 784 -13.07 -25.42 -4.84
CA LYS A 784 -13.23 -25.93 -6.18
C LYS A 784 -12.44 -27.22 -6.41
N ARG A 785 -11.28 -27.38 -5.78
CA ARG A 785 -10.51 -28.62 -5.89
C ARG A 785 -11.26 -29.82 -5.32
N LEU A 786 -11.86 -29.67 -4.14
CA LEU A 786 -12.70 -30.73 -3.55
C LEU A 786 -13.84 -31.10 -4.50
N CYS A 787 -14.47 -30.08 -5.09
CA CYS A 787 -15.58 -30.26 -6.04
C CYS A 787 -15.14 -30.75 -7.44
N ARG A 788 -13.84 -30.81 -7.70
CA ARG A 788 -13.27 -31.16 -9.00
C ARG A 788 -13.79 -30.23 -10.10
N ASN A 789 -13.89 -28.93 -9.82
CA ASN A 789 -14.29 -27.94 -10.82
C ASN A 789 -13.39 -26.70 -10.75
N ASP A 790 -12.10 -26.95 -10.53
CA ASP A 790 -11.12 -25.88 -10.41
C ASP A 790 -10.38 -25.67 -11.73
N ILE A 791 -9.75 -24.52 -11.85
CA ILE A 791 -8.90 -24.18 -12.98
C ILE A 791 -7.52 -24.83 -12.81
N LYS A 792 -7.04 -25.51 -13.85
CA LYS A 792 -5.67 -26.00 -13.95
C LYS A 792 -4.86 -25.02 -14.78
N VAL A 793 -3.63 -24.78 -14.37
CA VAL A 793 -2.78 -23.80 -15.02
C VAL A 793 -1.53 -24.48 -15.55
N GLU A 794 -1.18 -24.19 -16.80
CA GLU A 794 0.10 -24.63 -17.36
C GLU A 794 0.88 -23.37 -17.66
N ILE A 795 2.19 -23.40 -17.42
CA ILE A 795 3.07 -22.29 -17.73
C ILE A 795 3.74 -22.55 -19.09
N ALA A 796 3.76 -21.53 -19.94
CA ALA A 796 4.35 -21.57 -21.30
C ALA A 796 5.32 -20.40 -21.47
N GLY A 797 6.17 -20.48 -22.51
CA GLY A 797 7.26 -19.51 -22.71
C GLY A 797 8.51 -19.80 -21.87
N ARG A 798 8.55 -20.97 -21.23
CA ARG A 798 9.76 -21.48 -20.56
C ARG A 798 9.98 -22.94 -20.96
#